data_2IOB
#
_entry.id   2IOB
#
_cell.length_a   149.267
_cell.length_b   92.964
_cell.length_c   108.296
_cell.angle_alpha   90.0
_cell.angle_beta   109.373
_cell.angle_gamma   90.0
#
_symmetry.space_group_name_H-M   'C 1 2 1'
#
loop_
_entity.id
_entity.type
_entity.pdbx_description
1 polymer 'Bifunctional glutathionylspermidine synthetase/amidase'
2 water water
#
_entity_poly.entity_id   1
_entity_poly.type   'polypeptide(L)'
_entity_poly.pdbx_seq_one_letter_code
;MSKGTTSQDAPFGTLLGYAPGGVAIYSSDYSSLDPQEYEDDAVFRSYIDDEYMGHKWQCVEFARRFLFLNYGVVFTDVGM
AWEIFSLRFLREVVNDNILPLQAFPNGSPRAPVAGALLIWDKGGEFKDTGHVAIITQLHGNKVRIAEQNVIHSPLPQGQQ
WTRELEMVVENGCYTLKDTFDDTTILGWMIQTEDTEYSLPQPEIAGELLKISGARLENKGQFDGKWLDEKDPLQNAYVQA
NGQVINQDPYHYYTITESAEQELIKATNELHLMYLHATDKVLKDDNLLALFDIPKILWPRLRLSWQRRRHHMITGRMDFC
MDERGLKVYEYNADSASCHTEAGLILERWAEQGYKGNGFNPAEGLINELAGAWKHSRARPFVHIMQDKDIEENYHAQFME
QALHQAGFETRILRGLDELGWDAAGQLIDGEGRLVNCVWKTWAWETAFDQIREVSDREFAAVPIRTGHPQNEVRLIDVLL
RPEVLVFEPLWTVIPGNKAILPILWSLFPHHRYLLDTDFTVNDELVKTGYAVKPIAGRCGSNIDLVSHHEEVLDKTSGKF
AEQKNIYQQLWCLPKVDGKYIQVCTFTVGGNYGGTCLRGDESLVIKKESDIEPLIVVKK
;
_entity_poly.pdbx_strand_id   A,B
#
# COMPACT_ATOMS: atom_id res chain seq x y z
N PHE A 12 -34.34 3.99 -13.55
CA PHE A 12 -33.22 3.12 -13.09
C PHE A 12 -32.50 3.85 -11.97
N GLY A 13 -31.18 3.67 -11.94
CA GLY A 13 -30.26 4.21 -10.95
C GLY A 13 -30.57 5.46 -10.17
N THR A 14 -31.65 5.45 -9.39
CA THR A 14 -32.02 6.63 -8.62
C THR A 14 -31.52 6.53 -7.19
N LEU A 15 -31.02 7.65 -6.69
CA LEU A 15 -30.51 7.69 -5.33
C LEU A 15 -31.70 7.72 -4.37
N LEU A 16 -31.81 6.72 -3.51
CA LEU A 16 -32.95 6.68 -2.60
C LEU A 16 -32.68 7.19 -1.20
N GLY A 17 -31.39 7.34 -0.88
CA GLY A 17 -30.96 7.78 0.43
C GLY A 17 -29.61 7.14 0.77
N TYR A 18 -29.23 7.20 2.03
CA TYR A 18 -27.95 6.61 2.45
C TYR A 18 -28.11 5.75 3.70
N ALA A 19 -27.29 4.70 3.82
CA ALA A 19 -27.29 3.89 5.03
C ALA A 19 -26.16 4.51 5.88
N PRO A 20 -26.05 4.13 7.15
CA PRO A 20 -24.98 4.71 7.98
C PRO A 20 -23.58 4.59 7.33
N GLY A 21 -22.75 5.59 7.55
CA GLY A 21 -21.39 5.62 7.01
C GLY A 21 -21.30 6.39 5.68
N GLY A 22 -22.44 6.89 5.23
CA GLY A 22 -22.44 7.60 3.97
C GLY A 22 -22.58 6.66 2.78
N VAL A 23 -23.19 5.48 2.97
CA VAL A 23 -23.34 4.52 1.86
C VAL A 23 -24.64 4.73 1.10
N ALA A 24 -24.52 5.05 -0.17
CA ALA A 24 -25.68 5.35 -0.98
C ALA A 24 -26.55 4.14 -1.35
N ILE A 25 -27.86 4.32 -1.25
CA ILE A 25 -28.81 3.29 -1.64
C ILE A 25 -29.40 3.72 -2.99
N TYR A 26 -29.21 2.89 -4.02
CA TYR A 26 -29.73 3.19 -5.35
C TYR A 26 -30.86 2.22 -5.79
N SER A 27 -31.77 2.70 -6.62
CA SER A 27 -32.85 1.84 -7.10
C SER A 27 -32.33 1.20 -8.38
N SER A 28 -32.62 -0.08 -8.54
CA SER A 28 -32.15 -0.81 -9.71
C SER A 28 -33.28 -1.14 -10.71
N ASP A 29 -34.03 -0.14 -11.17
CA ASP A 29 -35.10 -0.40 -12.14
C ASP A 29 -34.52 -0.62 -13.53
N TYR A 30 -34.30 -1.88 -13.93
CA TYR A 30 -33.75 -2.12 -15.27
C TYR A 30 -34.77 -1.69 -16.31
N SER A 31 -35.89 -2.40 -16.35
CA SER A 31 -36.98 -2.14 -17.30
C SER A 31 -36.70 -1.08 -18.36
N SER A 32 -36.67 0.18 -17.92
CA SER A 32 -36.45 1.33 -18.78
C SER A 32 -35.40 1.24 -19.91
N LEU A 33 -34.74 0.10 -20.09
CA LEU A 33 -33.77 0.00 -21.19
C LEU A 33 -33.31 -1.40 -21.58
N ASP A 34 -32.36 -1.45 -22.50
CA ASP A 34 -31.81 -2.69 -23.03
C ASP A 34 -31.42 -3.81 -22.08
N PRO A 35 -31.54 -5.06 -22.55
CA PRO A 35 -31.19 -6.27 -21.79
C PRO A 35 -29.76 -6.60 -22.18
N GLN A 36 -29.56 -6.71 -23.49
CA GLN A 36 -28.26 -7.01 -24.08
C GLN A 36 -27.14 -6.20 -23.42
N GLU A 37 -27.38 -4.91 -23.23
CA GLU A 37 -26.37 -4.04 -22.67
C GLU A 37 -26.30 -3.90 -21.15
N TYR A 38 -27.39 -4.14 -20.44
CA TYR A 38 -27.34 -4.02 -18.97
C TYR A 38 -26.27 -4.97 -18.45
N GLU A 39 -26.19 -6.14 -19.07
CA GLU A 39 -25.22 -7.13 -18.65
C GLU A 39 -23.79 -6.75 -18.99
N ASP A 40 -23.47 -6.80 -20.29
CA ASP A 40 -22.13 -6.51 -20.80
C ASP A 40 -21.51 -5.12 -20.70
N ASP A 41 -22.31 -4.06 -20.71
CA ASP A 41 -21.72 -2.73 -20.63
C ASP A 41 -21.05 -2.45 -19.28
N ALA A 42 -19.79 -1.98 -19.38
CA ALA A 42 -18.99 -1.66 -18.22
C ALA A 42 -19.69 -0.58 -17.40
N VAL A 43 -20.63 0.15 -18.00
CA VAL A 43 -21.36 1.20 -17.27
C VAL A 43 -22.26 0.67 -16.12
N PHE A 44 -22.51 -0.63 -16.10
CA PHE A 44 -23.34 -1.25 -15.07
C PHE A 44 -22.53 -1.96 -14.02
N ARG A 45 -21.22 -1.82 -14.09
CA ARG A 45 -20.37 -2.45 -13.08
C ARG A 45 -20.02 -1.38 -12.05
N SER A 46 -20.38 -1.61 -10.80
CA SER A 46 -20.11 -0.67 -9.70
C SER A 46 -18.72 -0.94 -9.11
N TYR A 47 -17.95 0.14 -8.92
CA TYR A 47 -16.58 0.08 -8.39
C TYR A 47 -16.34 1.16 -7.40
N ILE A 48 -15.34 0.95 -6.56
CA ILE A 48 -14.95 1.96 -5.60
C ILE A 48 -13.43 1.99 -5.81
N ASP A 49 -12.98 3.08 -6.42
CA ASP A 49 -11.56 3.22 -6.74
C ASP A 49 -11.37 2.05 -7.72
N ASP A 50 -10.47 1.13 -7.41
CA ASP A 50 -10.25 0.03 -8.34
C ASP A 50 -10.85 -1.30 -7.93
N GLU A 51 -11.68 -1.33 -6.89
CA GLU A 51 -12.24 -2.58 -6.40
C GLU A 51 -13.65 -2.82 -6.92
N TYR A 52 -13.85 -3.93 -7.58
CA TYR A 52 -15.17 -4.27 -8.11
C TYR A 52 -16.17 -4.54 -6.97
N MET A 53 -17.25 -3.78 -6.93
CA MET A 53 -18.29 -3.93 -5.94
C MET A 53 -19.42 -4.90 -6.37
N GLY A 54 -20.01 -4.64 -7.53
CA GLY A 54 -21.08 -5.48 -8.03
C GLY A 54 -21.79 -4.95 -9.28
N HIS A 55 -22.97 -5.47 -9.52
CA HIS A 55 -23.77 -5.11 -10.67
C HIS A 55 -24.72 -4.02 -10.15
N LYS A 56 -24.77 -2.88 -10.84
CA LYS A 56 -25.65 -1.81 -10.40
C LYS A 56 -27.04 -2.22 -10.78
N TRP A 57 -28.01 -2.07 -9.90
CA TRP A 57 -27.79 -1.69 -8.49
C TRP A 57 -28.45 -2.80 -7.65
N GLN A 58 -27.83 -3.97 -7.69
CA GLN A 58 -28.34 -5.14 -7.01
C GLN A 58 -28.12 -5.24 -5.51
N CYS A 59 -28.82 -6.24 -4.93
CA CYS A 59 -28.74 -6.49 -3.50
C CYS A 59 -27.30 -6.90 -3.09
N VAL A 60 -26.69 -7.78 -3.85
CA VAL A 60 -25.33 -8.22 -3.55
C VAL A 60 -24.33 -7.06 -3.64
N GLU A 61 -24.58 -6.18 -4.59
CA GLU A 61 -23.73 -5.07 -4.78
C GLU A 61 -23.79 -4.13 -3.58
N PHE A 62 -24.99 -3.84 -3.07
CA PHE A 62 -25.07 -2.95 -1.93
C PHE A 62 -24.38 -3.53 -0.71
N ALA A 63 -24.46 -4.85 -0.52
CA ALA A 63 -23.85 -5.47 0.67
C ALA A 63 -22.33 -5.44 0.68
N ARG A 64 -21.73 -5.66 -0.49
CA ARG A 64 -20.28 -5.65 -0.64
C ARG A 64 -19.83 -4.21 -0.49
N ARG A 65 -20.50 -3.29 -1.13
CA ARG A 65 -20.06 -1.91 -0.98
C ARG A 65 -20.28 -1.36 0.44
N PHE A 66 -21.33 -1.79 1.11
CA PHE A 66 -21.52 -1.27 2.45
C PHE A 66 -20.37 -1.76 3.32
N LEU A 67 -20.11 -3.04 3.23
CA LEU A 67 -19.03 -3.63 4.03
C LEU A 67 -17.64 -3.05 3.68
N PHE A 68 -17.47 -2.73 2.39
CA PHE A 68 -16.22 -2.20 1.89
C PHE A 68 -15.90 -0.82 2.38
N LEU A 69 -16.81 0.11 2.13
CA LEU A 69 -16.69 1.48 2.53
C LEU A 69 -16.61 1.63 4.05
N ASN A 70 -17.40 0.83 4.79
CA ASN A 70 -17.42 0.92 6.25
C ASN A 70 -16.38 0.14 7.03
N TYR A 71 -15.99 -1.03 6.52
CA TYR A 71 -15.00 -1.87 7.24
C TYR A 71 -13.80 -2.30 6.38
N GLY A 72 -13.87 -2.06 5.06
CA GLY A 72 -12.77 -2.46 4.19
C GLY A 72 -12.79 -3.97 3.91
N VAL A 73 -13.97 -4.62 3.95
CA VAL A 73 -14.03 -6.04 3.71
C VAL A 73 -15.06 -6.38 2.66
N VAL A 74 -14.88 -7.54 2.02
CA VAL A 74 -15.90 -7.96 1.07
C VAL A 74 -16.11 -9.44 1.25
N PHE A 75 -16.97 -10.02 0.42
CA PHE A 75 -17.18 -11.46 0.45
C PHE A 75 -17.19 -11.92 -0.98
N THR A 76 -16.86 -13.18 -1.18
CA THR A 76 -16.84 -13.68 -2.53
C THR A 76 -18.10 -13.29 -3.31
N ASP A 77 -17.87 -12.83 -4.53
CA ASP A 77 -18.98 -12.42 -5.36
C ASP A 77 -19.83 -13.57 -6.00
N VAL A 78 -20.50 -14.37 -5.17
CA VAL A 78 -21.36 -15.44 -5.63
C VAL A 78 -22.53 -14.91 -6.50
N GLY A 79 -22.99 -15.74 -7.42
CA GLY A 79 -24.07 -15.36 -8.33
C GLY A 79 -25.41 -14.95 -7.71
N MET A 80 -25.81 -15.65 -6.66
CA MET A 80 -27.10 -15.31 -6.03
C MET A 80 -27.01 -15.16 -4.50
N ALA A 81 -27.66 -14.12 -4.03
CA ALA A 81 -27.70 -13.82 -2.61
C ALA A 81 -27.78 -14.99 -1.64
N TRP A 82 -28.59 -16.02 -1.95
CA TRP A 82 -28.74 -17.13 -1.00
C TRP A 82 -27.48 -17.87 -0.83
N GLU A 83 -26.61 -17.81 -1.81
CA GLU A 83 -25.38 -18.56 -1.69
C GLU A 83 -24.46 -17.91 -0.65
N ILE A 84 -24.69 -16.65 -0.33
CA ILE A 84 -23.80 -16.00 0.63
C ILE A 84 -23.80 -16.77 1.96
N PHE A 85 -24.96 -17.36 2.29
CA PHE A 85 -25.10 -18.11 3.55
C PHE A 85 -24.11 -19.25 3.71
N SER A 86 -23.65 -19.79 2.58
CA SER A 86 -22.68 -20.89 2.61
C SER A 86 -21.20 -20.44 2.78
N LEU A 87 -20.95 -19.14 2.82
CA LEU A 87 -19.60 -18.65 2.93
C LEU A 87 -19.15 -18.66 4.37
N ARG A 88 -17.87 -19.00 4.60
CA ARG A 88 -17.31 -19.00 5.94
C ARG A 88 -16.15 -18.00 6.21
N PHE A 89 -16.02 -16.98 5.36
CA PHE A 89 -14.97 -15.98 5.60
C PHE A 89 -15.30 -14.72 4.90
N LEU A 90 -14.70 -13.63 5.32
CA LEU A 90 -14.84 -12.36 4.60
C LEU A 90 -13.41 -12.02 4.20
N ARG A 91 -13.25 -11.30 3.08
CA ARG A 91 -11.90 -10.89 2.65
C ARG A 91 -11.60 -9.45 3.08
N GLU A 92 -10.55 -9.24 3.89
CA GLU A 92 -10.09 -7.89 4.29
C GLU A 92 -9.27 -7.47 3.02
N VAL A 93 -9.72 -6.47 2.30
CA VAL A 93 -9.08 -6.08 1.05
C VAL A 93 -7.61 -5.62 1.07
N VAL A 94 -7.27 -4.68 1.94
CA VAL A 94 -5.92 -4.15 1.92
C VAL A 94 -4.76 -5.19 1.94
N ASN A 95 -4.84 -6.13 2.87
CA ASN A 95 -3.86 -7.16 3.09
C ASN A 95 -4.35 -8.52 2.61
N ASP A 96 -5.54 -8.59 2.04
CA ASP A 96 -6.14 -9.86 1.67
C ASP A 96 -6.28 -10.86 2.84
N ASN A 97 -6.49 -10.41 4.08
CA ASN A 97 -6.68 -11.38 5.17
C ASN A 97 -8.06 -12.07 5.02
N ILE A 98 -8.09 -13.33 5.45
CA ILE A 98 -9.27 -14.18 5.40
C ILE A 98 -9.83 -14.09 6.81
N LEU A 99 -10.99 -13.47 6.96
CA LEU A 99 -11.55 -13.32 8.29
C LEU A 99 -12.66 -14.33 8.51
N PRO A 100 -12.65 -15.07 9.65
CA PRO A 100 -13.73 -16.03 9.81
C PRO A 100 -15.10 -15.38 9.86
N LEU A 101 -16.01 -16.02 9.14
CA LEU A 101 -17.40 -15.58 9.07
C LEU A 101 -18.27 -16.77 9.52
N GLN A 102 -19.15 -16.52 10.48
CA GLN A 102 -20.09 -17.55 10.99
C GLN A 102 -21.55 -17.26 10.56
N ALA A 103 -22.34 -18.31 10.40
CA ALA A 103 -23.77 -18.31 10.00
C ALA A 103 -24.60 -18.84 11.13
N PHE A 104 -25.70 -18.15 11.42
CA PHE A 104 -26.65 -18.53 12.50
C PHE A 104 -28.04 -18.55 11.88
N PRO A 105 -28.80 -19.61 12.12
CA PRO A 105 -30.15 -19.70 11.54
C PRO A 105 -31.10 -18.74 12.23
N ASN A 106 -32.22 -18.41 11.58
CA ASN A 106 -33.20 -17.55 12.25
C ASN A 106 -33.63 -18.39 13.45
N GLY A 107 -33.84 -17.76 14.60
CA GLY A 107 -34.24 -18.54 15.77
C GLY A 107 -33.07 -18.95 16.62
N SER A 108 -31.91 -18.39 16.32
CA SER A 108 -30.70 -18.74 17.07
C SER A 108 -30.47 -18.08 18.46
N PRO A 109 -29.73 -18.76 19.36
CA PRO A 109 -29.43 -18.19 20.67
C PRO A 109 -28.36 -17.08 20.44
N ARG A 110 -27.73 -17.10 19.25
CA ARG A 110 -26.76 -16.06 18.88
C ARG A 110 -27.58 -14.93 18.24
N ALA A 111 -27.65 -13.79 18.91
CA ALA A 111 -28.43 -12.66 18.42
C ALA A 111 -27.78 -11.90 17.26
N PRO A 112 -28.62 -11.28 16.42
CA PRO A 112 -28.08 -10.51 15.31
C PRO A 112 -27.32 -9.29 15.86
N VAL A 113 -26.24 -8.88 15.20
CA VAL A 113 -25.48 -7.71 15.66
C VAL A 113 -25.60 -6.66 14.59
N ALA A 114 -25.23 -5.43 14.92
CA ALA A 114 -25.23 -4.34 13.93
C ALA A 114 -24.08 -4.67 13.01
N GLY A 115 -24.32 -4.56 11.70
CA GLY A 115 -23.29 -4.87 10.72
C GLY A 115 -23.38 -6.26 10.11
N ALA A 116 -24.22 -7.09 10.71
CA ALA A 116 -24.38 -8.46 10.24
C ALA A 116 -25.03 -8.55 8.86
N LEU A 117 -24.67 -9.59 8.13
CA LEU A 117 -25.26 -9.84 6.81
C LEU A 117 -26.55 -10.65 7.14
N LEU A 118 -27.66 -10.24 6.55
CA LEU A 118 -28.95 -10.93 6.73
C LEU A 118 -29.27 -11.50 5.38
N ILE A 119 -29.37 -12.83 5.33
CA ILE A 119 -29.63 -13.53 4.07
C ILE A 119 -31.01 -14.23 4.01
N TRP A 120 -31.66 -14.08 2.85
CA TRP A 120 -32.94 -14.74 2.55
C TRP A 120 -32.65 -15.90 1.56
N ASP A 121 -33.28 -17.07 1.76
CA ASP A 121 -33.10 -18.17 0.83
C ASP A 121 -34.00 -17.80 -0.35
N LYS A 122 -33.94 -18.57 -1.42
CA LYS A 122 -34.85 -18.24 -2.54
C LYS A 122 -36.28 -18.53 -2.14
N GLY A 123 -37.22 -17.89 -2.81
CA GLY A 123 -38.60 -18.16 -2.48
C GLY A 123 -39.47 -16.98 -2.15
N GLY A 124 -40.69 -16.99 -2.69
CA GLY A 124 -41.61 -15.91 -2.42
C GLY A 124 -41.19 -14.67 -3.15
N GLU A 125 -41.28 -13.54 -2.45
CA GLU A 125 -40.91 -12.23 -3.01
C GLU A 125 -39.52 -12.25 -3.65
N PHE A 126 -38.65 -13.16 -3.20
CA PHE A 126 -37.25 -13.26 -3.67
C PHE A 126 -36.99 -14.49 -4.51
N LYS A 127 -38.01 -14.82 -5.29
CA LYS A 127 -38.06 -15.95 -6.20
C LYS A 127 -36.87 -16.86 -6.40
N ASP A 128 -35.98 -16.50 -7.30
CA ASP A 128 -34.87 -17.39 -7.55
C ASP A 128 -33.53 -17.03 -6.94
N THR A 129 -33.31 -15.73 -6.78
CA THR A 129 -32.07 -15.17 -6.26
C THR A 129 -31.88 -15.24 -4.75
N GLY A 130 -32.96 -15.03 -4.03
CA GLY A 130 -32.90 -15.01 -2.60
C GLY A 130 -32.63 -13.54 -2.37
N HIS A 131 -32.05 -13.18 -1.23
CA HIS A 131 -31.82 -11.77 -0.99
C HIS A 131 -30.80 -11.47 0.09
N VAL A 132 -30.21 -10.29 0.02
CA VAL A 132 -29.27 -9.92 1.05
C VAL A 132 -29.44 -8.50 1.48
N ALA A 133 -29.30 -8.31 2.77
CA ALA A 133 -29.38 -6.98 3.34
C ALA A 133 -28.35 -6.86 4.46
N ILE A 134 -28.05 -5.64 4.85
CA ILE A 134 -27.15 -5.46 6.00
C ILE A 134 -28.01 -4.91 7.17
N ILE A 135 -27.74 -5.38 8.39
CA ILE A 135 -28.45 -4.90 9.57
C ILE A 135 -27.71 -3.64 9.95
N THR A 136 -28.37 -2.51 9.76
CA THR A 136 -27.80 -1.20 10.00
C THR A 136 -27.99 -0.59 11.41
N GLN A 137 -29.14 -0.87 12.06
CA GLN A 137 -29.42 -0.37 13.42
C GLN A 137 -30.30 -1.29 14.27
N LEU A 138 -29.89 -1.52 15.51
CA LEU A 138 -30.69 -2.34 16.42
C LEU A 138 -31.45 -1.33 17.30
N HIS A 139 -32.69 -0.98 16.89
CA HIS A 139 -33.52 -0.03 17.65
C HIS A 139 -34.44 -0.84 18.52
N GLY A 140 -33.96 -1.15 19.72
CA GLY A 140 -34.72 -1.92 20.68
C GLY A 140 -35.05 -3.33 20.23
N ASN A 141 -36.34 -3.54 19.97
CA ASN A 141 -36.93 -4.80 19.54
C ASN A 141 -37.06 -4.89 18.01
N LYS A 142 -36.75 -3.77 17.34
CA LYS A 142 -36.79 -3.72 15.87
C LYS A 142 -35.35 -3.93 15.39
N VAL A 143 -35.22 -4.18 14.10
CA VAL A 143 -33.94 -4.35 13.52
C VAL A 143 -34.11 -3.64 12.22
N ARG A 144 -33.29 -2.61 12.05
CA ARG A 144 -33.33 -1.82 10.83
C ARG A 144 -32.26 -2.34 9.87
N ILE A 145 -32.63 -2.45 8.60
CA ILE A 145 -31.71 -2.93 7.60
C ILE A 145 -31.67 -1.91 6.48
N ALA A 146 -30.70 -2.10 5.59
CA ALA A 146 -30.51 -1.26 4.39
C ALA A 146 -30.21 -2.25 3.28
N GLU A 147 -30.79 -2.01 2.13
CA GLU A 147 -30.57 -2.95 1.06
C GLU A 147 -30.91 -2.35 -0.29
N GLN A 148 -30.44 -2.99 -1.33
CA GLN A 148 -30.87 -2.45 -2.59
C GLN A 148 -31.80 -3.46 -3.26
N ASN A 149 -32.48 -2.97 -4.30
CA ASN A 149 -33.34 -3.79 -5.10
C ASN A 149 -34.57 -4.31 -4.36
N VAL A 150 -35.17 -3.45 -3.54
CA VAL A 150 -36.41 -3.77 -2.82
C VAL A 150 -37.24 -2.48 -2.85
N ILE A 151 -36.70 -1.38 -2.31
CA ILE A 151 -37.41 -0.11 -2.35
C ILE A 151 -37.07 0.54 -3.67
N HIS A 152 -37.98 1.32 -4.22
CA HIS A 152 -37.72 1.96 -5.52
C HIS A 152 -38.15 3.42 -5.57
N SER A 153 -38.51 3.95 -4.41
CA SER A 153 -38.90 5.35 -4.23
C SER A 153 -37.97 5.95 -3.18
N PRO A 154 -37.55 7.22 -3.36
CA PRO A 154 -36.66 7.82 -2.38
C PRO A 154 -37.17 7.60 -0.97
N LEU A 155 -36.27 7.48 0.00
CA LEU A 155 -36.70 7.26 1.37
C LEU A 155 -37.11 8.58 2.01
N PRO A 156 -37.79 8.52 3.16
CA PRO A 156 -38.13 9.81 3.77
C PRO A 156 -36.83 10.49 4.17
N GLN A 157 -36.82 11.81 4.15
CA GLN A 157 -35.64 12.60 4.52
C GLN A 157 -34.93 12.22 5.82
N GLY A 158 -33.64 11.90 5.71
CA GLY A 158 -32.88 11.54 6.89
C GLY A 158 -33.06 10.11 7.42
N GLN A 159 -33.80 9.27 6.70
CA GLN A 159 -33.98 7.89 7.16
C GLN A 159 -32.89 7.08 6.53
N GLN A 160 -32.11 6.39 7.34
CA GLN A 160 -31.01 5.62 6.78
C GLN A 160 -31.14 4.12 6.80
N TRP A 161 -32.38 3.64 6.67
CA TRP A 161 -32.68 2.20 6.61
C TRP A 161 -33.83 2.00 5.62
N THR A 162 -33.88 0.86 4.94
CA THR A 162 -34.94 0.64 3.98
C THR A 162 -36.14 -0.06 4.60
N ARG A 163 -35.91 -0.88 5.64
CA ARG A 163 -37.00 -1.58 6.31
C ARG A 163 -36.67 -1.83 7.78
N GLU A 164 -37.72 -1.91 8.59
CA GLU A 164 -37.57 -2.21 10.01
C GLU A 164 -38.22 -3.59 10.09
N LEU A 165 -37.69 -4.49 10.92
CA LEU A 165 -38.26 -5.83 11.02
C LEU A 165 -38.35 -6.13 12.47
N GLU A 166 -39.40 -6.83 12.87
CA GLU A 166 -39.59 -7.15 14.27
C GLU A 166 -38.77 -8.34 14.70
N MET A 167 -38.23 -8.28 15.90
CA MET A 167 -37.46 -9.40 16.42
C MET A 167 -38.10 -9.89 17.70
N VAL A 168 -38.30 -11.19 17.76
CA VAL A 168 -38.91 -11.83 18.92
C VAL A 168 -37.85 -12.56 19.74
N VAL A 169 -37.77 -12.24 21.02
CA VAL A 169 -36.80 -12.90 21.88
C VAL A 169 -37.52 -13.80 22.88
N GLU A 170 -37.64 -15.07 22.51
CA GLU A 170 -38.29 -16.03 23.37
C GLU A 170 -37.34 -17.14 23.80
N ASN A 171 -37.01 -17.14 25.09
CA ASN A 171 -36.15 -18.15 25.69
C ASN A 171 -34.71 -18.04 25.24
N GLY A 172 -34.21 -16.81 25.13
CA GLY A 172 -32.83 -16.60 24.72
C GLY A 172 -32.54 -16.80 23.22
N CYS A 173 -33.56 -17.17 22.44
CA CYS A 173 -33.45 -17.40 21.01
C CYS A 173 -34.10 -16.26 20.25
N TYR A 174 -33.41 -15.77 19.21
CA TYR A 174 -33.91 -14.65 18.45
C TYR A 174 -34.42 -15.10 17.13
N THR A 175 -35.59 -14.60 16.79
CA THR A 175 -36.22 -14.95 15.54
C THR A 175 -36.63 -13.62 14.98
N LEU A 176 -36.44 -13.43 13.67
CA LEU A 176 -36.81 -12.15 13.03
C LEU A 176 -38.01 -12.43 12.14
N LYS A 177 -38.84 -11.43 11.93
CA LYS A 177 -40.00 -11.63 11.09
C LYS A 177 -39.80 -10.70 9.97
N ASP A 178 -40.00 -11.21 8.76
CA ASP A 178 -39.82 -10.41 7.57
C ASP A 178 -41.05 -9.55 7.38
N THR A 179 -41.04 -8.68 6.38
CA THR A 179 -42.17 -7.79 6.11
C THR A 179 -43.03 -8.35 4.96
N PHE A 180 -42.54 -9.42 4.33
CA PHE A 180 -43.25 -10.06 3.25
C PHE A 180 -43.70 -11.34 3.91
N ASP A 181 -44.73 -12.00 3.40
CA ASP A 181 -45.13 -13.19 4.15
C ASP A 181 -44.98 -14.56 3.50
N ASP A 182 -44.38 -14.57 2.32
CA ASP A 182 -44.16 -15.81 1.59
C ASP A 182 -42.65 -16.09 1.47
N THR A 183 -41.85 -15.44 2.32
CA THR A 183 -40.40 -15.63 2.24
C THR A 183 -39.76 -16.45 3.32
N THR A 184 -38.52 -16.89 3.04
CA THR A 184 -37.76 -17.66 4.03
C THR A 184 -36.46 -16.92 4.36
N ILE A 185 -36.30 -16.53 5.61
CA ILE A 185 -35.07 -15.87 6.06
C ILE A 185 -34.15 -16.98 6.54
N LEU A 186 -33.01 -17.16 5.89
CA LEU A 186 -32.07 -18.18 6.31
C LEU A 186 -31.45 -17.82 7.67
N GLY A 187 -30.99 -16.58 7.79
CA GLY A 187 -30.33 -16.16 9.02
C GLY A 187 -29.34 -15.00 8.85
N TRP A 188 -28.46 -14.89 9.84
CA TRP A 188 -27.44 -13.84 9.82
C TRP A 188 -26.02 -14.36 9.91
N MET A 189 -25.11 -13.53 9.47
CA MET A 189 -23.70 -13.93 9.48
C MET A 189 -22.90 -12.88 10.23
N ILE A 190 -22.00 -13.35 11.08
CA ILE A 190 -21.22 -12.44 11.86
C ILE A 190 -19.77 -12.82 11.72
N GLN A 191 -18.92 -11.79 11.60
CA GLN A 191 -17.48 -12.01 11.47
C GLN A 191 -16.94 -12.20 12.88
N THR A 192 -16.72 -13.44 13.26
CA THR A 192 -16.19 -13.76 14.57
C THR A 192 -15.51 -15.11 14.54
N GLU A 193 -14.57 -15.26 15.44
CA GLU A 193 -13.88 -16.50 15.56
C GLU A 193 -14.67 -17.50 16.47
N ASP A 194 -15.73 -17.03 17.11
CA ASP A 194 -16.52 -17.88 18.02
C ASP A 194 -17.47 -18.72 17.20
N THR A 195 -17.33 -20.03 17.29
CA THR A 195 -18.23 -20.89 16.50
C THR A 195 -19.48 -21.40 17.23
N GLU A 196 -19.63 -21.05 18.51
CA GLU A 196 -20.79 -21.50 19.28
C GLU A 196 -22.10 -21.09 18.66
N TYR A 197 -22.98 -22.09 18.52
CA TYR A 197 -24.33 -21.92 17.95
C TYR A 197 -24.35 -21.76 16.44
N SER A 198 -23.18 -21.81 15.80
CA SER A 198 -23.06 -21.63 14.36
C SER A 198 -23.35 -22.86 13.47
N LEU A 199 -23.78 -22.61 12.22
CA LEU A 199 -24.06 -23.67 11.26
C LEU A 199 -22.81 -24.23 10.63
N PRO A 200 -22.75 -25.56 10.52
CA PRO A 200 -21.58 -26.20 9.92
C PRO A 200 -21.73 -25.88 8.45
N GLN A 201 -20.61 -25.65 7.78
CA GLN A 201 -20.65 -25.31 6.35
C GLN A 201 -21.24 -26.41 5.49
N PRO A 202 -22.27 -26.05 4.72
CA PRO A 202 -22.94 -27.00 3.82
C PRO A 202 -21.89 -27.67 2.90
N GLU A 203 -22.14 -28.93 2.53
CA GLU A 203 -21.26 -29.68 1.66
C GLU A 203 -22.14 -29.94 0.45
N ILE A 204 -21.58 -29.85 -0.73
CA ILE A 204 -22.39 -30.08 -1.91
C ILE A 204 -22.46 -31.61 -2.10
N ALA A 205 -23.61 -32.13 -2.49
CA ALA A 205 -23.70 -33.57 -2.73
C ALA A 205 -22.75 -33.93 -3.88
N GLY A 206 -21.89 -34.93 -3.63
CA GLY A 206 -20.94 -35.37 -4.62
C GLY A 206 -21.52 -35.54 -6.02
N GLU A 207 -22.74 -36.06 -6.10
CA GLU A 207 -23.37 -36.30 -7.41
C GLU A 207 -23.33 -35.08 -8.32
N LEU A 208 -23.52 -33.91 -7.73
CA LEU A 208 -23.53 -32.69 -8.49
C LEU A 208 -22.13 -32.30 -9.00
N LEU A 209 -21.07 -32.84 -8.39
CA LEU A 209 -19.68 -32.55 -8.81
C LEU A 209 -19.13 -33.47 -9.92
N LYS A 210 -20.00 -34.29 -10.52
CA LYS A 210 -19.57 -35.19 -11.58
C LYS A 210 -19.58 -34.52 -12.95
N ILE A 211 -18.57 -34.82 -13.75
CA ILE A 211 -18.47 -34.29 -15.07
C ILE A 211 -19.10 -35.35 -15.99
N SER A 212 -20.02 -34.91 -16.85
CA SER A 212 -20.71 -35.82 -17.74
C SER A 212 -20.33 -35.60 -19.19
N GLY A 213 -20.31 -36.70 -19.95
CA GLY A 213 -20.01 -36.64 -21.37
C GLY A 213 -21.35 -36.45 -22.09
N ALA A 214 -21.33 -35.85 -23.27
CA ALA A 214 -22.56 -35.62 -24.03
C ALA A 214 -22.09 -35.49 -25.47
N ARG A 215 -23.03 -35.56 -26.40
CA ARG A 215 -22.70 -35.49 -27.83
C ARG A 215 -23.72 -34.65 -28.54
N LEU A 216 -23.27 -34.04 -29.61
CA LEU A 216 -24.13 -33.23 -30.40
C LEU A 216 -24.84 -34.07 -31.50
N GLU A 217 -25.96 -33.56 -31.97
CA GLU A 217 -26.67 -34.14 -33.08
C GLU A 217 -25.70 -33.79 -34.24
N ASN A 218 -25.04 -34.78 -34.84
CA ASN A 218 -24.11 -34.52 -35.93
C ASN A 218 -24.76 -34.23 -37.31
N LYS A 219 -24.90 -32.97 -37.66
CA LYS A 219 -25.47 -32.55 -38.95
C LYS A 219 -24.35 -31.95 -39.81
N GLY A 220 -23.12 -32.43 -39.61
CA GLY A 220 -22.00 -31.88 -40.35
C GLY A 220 -21.64 -30.44 -39.94
N GLN A 221 -22.08 -29.98 -38.78
CA GLN A 221 -21.78 -28.59 -38.42
C GLN A 221 -20.29 -28.29 -38.41
N PHE A 222 -19.48 -29.31 -38.19
CA PHE A 222 -18.02 -29.10 -38.14
C PHE A 222 -17.20 -29.58 -39.38
N ASP A 223 -17.88 -29.92 -40.48
CA ASP A 223 -17.20 -30.36 -41.73
C ASP A 223 -16.25 -29.36 -42.35
N GLY A 224 -16.55 -28.07 -42.28
CA GLY A 224 -15.67 -27.10 -42.90
C GLY A 224 -14.91 -26.19 -41.97
N LYS A 225 -14.58 -25.02 -42.48
CA LYS A 225 -13.88 -24.05 -41.68
C LYS A 225 -14.88 -23.37 -40.75
N TRP A 226 -15.02 -23.83 -39.51
CA TRP A 226 -15.91 -23.17 -38.58
C TRP A 226 -15.19 -21.97 -37.85
N LEU A 227 -13.86 -21.90 -37.99
CA LEU A 227 -13.13 -20.79 -37.42
C LEU A 227 -12.86 -19.91 -38.62
N ASP A 228 -12.84 -18.60 -38.41
CA ASP A 228 -12.69 -17.63 -39.49
C ASP A 228 -11.30 -17.24 -39.75
N GLU A 229 -10.78 -17.65 -40.89
CA GLU A 229 -9.39 -17.32 -41.19
C GLU A 229 -9.13 -15.89 -41.66
N LYS A 230 -10.19 -15.10 -41.74
CA LYS A 230 -10.04 -13.70 -42.15
C LYS A 230 -9.88 -12.88 -40.90
N ASP A 231 -10.26 -13.46 -39.76
CA ASP A 231 -10.06 -12.77 -38.49
C ASP A 231 -8.62 -13.05 -38.06
N PRO A 232 -7.80 -12.00 -37.87
CA PRO A 232 -6.42 -12.27 -37.47
C PRO A 232 -6.20 -13.17 -36.25
N LEU A 233 -7.01 -12.96 -35.20
CA LEU A 233 -6.86 -13.74 -33.99
C LEU A 233 -7.19 -15.18 -34.27
N GLN A 234 -8.38 -15.44 -34.80
CA GLN A 234 -8.78 -16.80 -35.14
C GLN A 234 -7.81 -17.38 -36.17
N ASN A 235 -7.34 -16.59 -37.14
CA ASN A 235 -6.39 -17.21 -38.06
C ASN A 235 -5.05 -17.62 -37.39
N ALA A 236 -4.59 -16.81 -36.42
CA ALA A 236 -3.37 -17.18 -35.74
C ALA A 236 -3.62 -18.50 -34.96
N TYR A 237 -4.82 -18.69 -34.45
CA TYR A 237 -5.13 -19.91 -33.74
C TYR A 237 -5.05 -21.11 -34.70
N VAL A 238 -5.53 -20.90 -35.91
CA VAL A 238 -5.54 -21.98 -36.91
C VAL A 238 -4.13 -22.29 -37.40
N GLN A 239 -3.30 -21.27 -37.50
CA GLN A 239 -1.95 -21.53 -37.92
C GLN A 239 -1.18 -22.40 -36.92
N ALA A 240 -1.60 -22.35 -35.67
CA ALA A 240 -0.99 -23.15 -34.62
C ALA A 240 -1.71 -24.48 -34.37
N ASN A 241 -2.95 -24.60 -34.84
CA ASN A 241 -3.71 -25.79 -34.52
C ASN A 241 -4.59 -26.41 -35.60
N GLY A 242 -4.90 -25.67 -36.67
CA GLY A 242 -5.80 -26.18 -37.69
C GLY A 242 -7.20 -25.78 -37.20
N GLN A 243 -8.27 -26.24 -37.89
CA GLN A 243 -9.68 -25.96 -37.49
C GLN A 243 -10.02 -27.04 -36.45
N VAL A 244 -9.41 -26.93 -35.29
CA VAL A 244 -9.56 -27.94 -34.27
C VAL A 244 -9.61 -27.32 -32.89
N ILE A 245 -10.40 -27.91 -32.01
CA ILE A 245 -10.41 -27.47 -30.63
C ILE A 245 -10.04 -28.79 -29.99
N ASN A 246 -10.81 -29.83 -30.24
CA ASN A 246 -10.47 -31.16 -29.71
C ASN A 246 -10.56 -32.23 -30.84
N GLN A 247 -10.26 -33.46 -30.47
CA GLN A 247 -10.24 -34.58 -31.39
C GLN A 247 -11.58 -34.92 -32.03
N ASP A 248 -12.69 -34.70 -31.35
CA ASP A 248 -14.01 -34.94 -31.91
C ASP A 248 -14.91 -33.79 -31.43
N PRO A 249 -15.09 -32.76 -32.26
CA PRO A 249 -15.91 -31.62 -31.91
C PRO A 249 -17.39 -31.89 -31.68
N TYR A 250 -17.85 -33.11 -31.96
CA TYR A 250 -19.27 -33.41 -31.74
C TYR A 250 -19.40 -33.91 -30.31
N HIS A 251 -18.25 -34.13 -29.69
CA HIS A 251 -18.32 -34.55 -28.35
C HIS A 251 -17.95 -33.42 -27.36
N TYR A 252 -18.68 -33.32 -26.24
CA TYR A 252 -18.41 -32.32 -25.25
C TYR A 252 -18.72 -32.83 -23.83
N TYR A 253 -18.48 -31.98 -22.80
CA TYR A 253 -18.77 -32.39 -21.41
C TYR A 253 -19.64 -31.33 -20.74
N THR A 254 -20.34 -31.70 -19.68
CA THR A 254 -21.17 -30.74 -18.95
C THR A 254 -20.93 -30.87 -17.46
N ILE A 255 -21.20 -29.79 -16.74
CA ILE A 255 -21.09 -29.80 -15.29
C ILE A 255 -22.36 -29.08 -14.85
N THR A 256 -22.74 -29.27 -13.59
CA THR A 256 -23.99 -28.64 -13.10
C THR A 256 -23.74 -27.20 -12.69
N GLU A 257 -24.80 -26.40 -12.68
CA GLU A 257 -24.67 -25.03 -12.24
C GLU A 257 -24.19 -25.04 -10.78
N SER A 258 -24.55 -26.07 -10.02
CA SER A 258 -24.14 -26.15 -8.62
C SER A 258 -22.64 -26.37 -8.51
N ALA A 259 -22.10 -27.19 -9.42
CA ALA A 259 -20.65 -27.41 -9.40
C ALA A 259 -19.96 -26.07 -9.81
N GLU A 260 -20.49 -25.39 -10.83
CA GLU A 260 -19.85 -24.14 -11.20
C GLU A 260 -19.87 -23.19 -9.99
N GLN A 261 -20.99 -23.15 -9.28
CA GLN A 261 -21.04 -22.27 -8.13
C GLN A 261 -19.95 -22.63 -7.14
N GLU A 262 -19.67 -23.92 -7.00
CA GLU A 262 -18.65 -24.42 -6.08
C GLU A 262 -17.26 -23.97 -6.59
N LEU A 263 -17.02 -24.09 -7.91
CA LEU A 263 -15.73 -23.69 -8.51
C LEU A 263 -15.53 -22.17 -8.34
N ILE A 264 -16.60 -21.36 -8.46
CA ILE A 264 -16.46 -19.92 -8.27
C ILE A 264 -15.96 -19.58 -6.85
N LYS A 265 -16.51 -20.28 -5.86
CA LYS A 265 -16.14 -20.02 -4.50
C LYS A 265 -14.75 -20.49 -4.19
N ALA A 266 -14.49 -21.72 -4.59
CA ALA A 266 -13.19 -22.28 -4.34
C ALA A 266 -12.09 -21.40 -4.97
N THR A 267 -12.36 -20.89 -6.19
CA THR A 267 -11.35 -20.14 -6.90
C THR A 267 -10.95 -18.88 -6.10
N ASN A 268 -11.97 -18.13 -5.70
CA ASN A 268 -11.83 -16.95 -4.88
C ASN A 268 -11.17 -17.27 -3.55
N GLU A 269 -11.56 -18.36 -2.93
CA GLU A 269 -10.94 -18.66 -1.65
C GLU A 269 -9.49 -19.10 -1.81
N LEU A 270 -9.27 -20.03 -2.76
CA LEU A 270 -7.91 -20.56 -2.98
C LEU A 270 -6.91 -19.43 -3.42
N HIS A 271 -7.34 -18.44 -4.18
CA HIS A 271 -6.40 -17.32 -4.54
C HIS A 271 -5.84 -16.69 -3.23
N LEU A 272 -6.76 -16.31 -2.32
CA LEU A 272 -6.35 -15.74 -1.06
C LEU A 272 -5.46 -16.67 -0.27
N MET A 273 -5.80 -17.97 -0.25
CA MET A 273 -4.99 -18.94 0.49
C MET A 273 -3.60 -19.04 -0.08
N TYR A 274 -3.51 -18.99 -1.41
CA TYR A 274 -2.17 -19.05 -2.04
C TYR A 274 -1.41 -17.72 -1.71
N LEU A 275 -2.11 -16.59 -1.61
CA LEU A 275 -1.41 -15.36 -1.27
C LEU A 275 -0.79 -15.54 0.12
N HIS A 276 -1.57 -16.15 1.03
CA HIS A 276 -1.04 -16.35 2.40
C HIS A 276 0.15 -17.29 2.47
N ALA A 277 0.13 -18.34 1.66
CA ALA A 277 1.26 -19.28 1.62
C ALA A 277 2.50 -18.55 0.97
N THR A 278 2.25 -17.69 -0.02
CA THR A 278 3.31 -16.89 -0.70
C THR A 278 4.01 -15.99 0.31
N ASP A 279 3.21 -15.30 1.11
CA ASP A 279 3.73 -14.47 2.19
C ASP A 279 4.61 -15.29 3.16
N LYS A 280 4.11 -16.44 3.59
CA LYS A 280 4.88 -17.30 4.49
C LYS A 280 6.21 -17.65 3.79
N VAL A 281 6.16 -18.06 2.54
CA VAL A 281 7.39 -18.39 1.84
C VAL A 281 8.41 -17.27 1.81
N LEU A 282 7.93 -16.09 1.45
CA LEU A 282 8.82 -14.93 1.34
C LEU A 282 9.33 -14.37 2.68
N LYS A 283 8.65 -14.71 3.77
CA LYS A 283 9.06 -14.24 5.09
C LYS A 283 10.23 -15.06 5.66
N ASP A 284 10.60 -16.18 5.04
CA ASP A 284 11.64 -17.08 5.59
C ASP A 284 12.61 -17.67 4.54
N ASP A 285 13.87 -17.30 4.62
CA ASP A 285 14.86 -17.76 3.66
C ASP A 285 14.90 -19.26 3.47
N ASN A 286 14.65 -19.97 4.55
CA ASN A 286 14.68 -21.43 4.54
C ASN A 286 13.65 -21.91 3.62
N LEU A 287 12.47 -21.33 3.69
CA LEU A 287 11.39 -21.71 2.79
C LEU A 287 11.71 -21.27 1.37
N LEU A 288 12.05 -20.00 1.22
CA LEU A 288 12.33 -19.45 -0.11
C LEU A 288 13.42 -20.26 -0.89
N ALA A 289 14.46 -20.77 -0.22
CA ALA A 289 15.55 -21.53 -0.94
C ALA A 289 15.07 -22.77 -1.72
N LEU A 290 13.90 -23.25 -1.32
CA LEU A 290 13.28 -24.41 -1.93
C LEU A 290 12.70 -24.10 -3.26
N PHE A 291 12.50 -22.82 -3.57
CA PHE A 291 11.90 -22.48 -4.86
C PHE A 291 12.87 -22.35 -6.05
N ASP A 292 14.16 -22.50 -5.79
CA ASP A 292 15.19 -22.44 -6.87
C ASP A 292 15.18 -21.12 -7.64
N ILE A 293 15.03 -20.00 -6.91
CA ILE A 293 15.02 -18.71 -7.55
C ILE A 293 16.40 -18.11 -7.23
N PRO A 294 17.15 -17.66 -8.27
CA PRO A 294 18.48 -17.08 -8.01
C PRO A 294 18.41 -16.10 -6.87
N LYS A 295 19.28 -16.31 -5.88
CA LYS A 295 19.30 -15.49 -4.67
C LYS A 295 19.50 -13.99 -4.92
N ILE A 296 20.15 -13.64 -6.02
CA ILE A 296 20.45 -12.28 -6.38
C ILE A 296 19.11 -11.59 -6.65
N LEU A 297 18.12 -12.40 -6.99
CA LEU A 297 16.81 -11.84 -7.30
C LEU A 297 15.87 -11.65 -6.10
N TRP A 298 16.27 -12.21 -4.96
CA TRP A 298 15.47 -12.17 -3.74
C TRP A 298 15.00 -10.78 -3.26
N PRO A 299 15.91 -9.81 -3.17
CA PRO A 299 15.34 -8.52 -2.72
C PRO A 299 14.31 -7.96 -3.73
N ARG A 300 14.52 -8.13 -5.00
CA ARG A 300 13.56 -7.60 -5.92
C ARG A 300 12.22 -8.36 -5.92
N LEU A 301 12.33 -9.66 -5.69
CA LEU A 301 11.17 -10.52 -5.61
C LEU A 301 10.33 -10.06 -4.39
N ARG A 302 10.97 -9.80 -3.24
CA ARG A 302 10.22 -9.39 -2.05
C ARG A 302 9.58 -8.03 -2.23
N LEU A 303 10.31 -7.10 -2.87
CA LEU A 303 9.79 -5.76 -3.19
C LEU A 303 8.52 -5.92 -4.03
N SER A 304 8.61 -6.80 -5.00
CA SER A 304 7.46 -7.09 -5.88
C SER A 304 6.26 -7.56 -5.07
N TRP A 305 6.51 -8.48 -4.15
CA TRP A 305 5.42 -9.00 -3.34
C TRP A 305 4.79 -7.89 -2.48
N GLN A 306 5.64 -7.17 -1.77
CA GLN A 306 5.28 -6.09 -0.90
C GLN A 306 4.48 -4.91 -1.56
N ARG A 307 4.88 -4.56 -2.77
CA ARG A 307 4.25 -3.48 -3.51
C ARG A 307 3.21 -3.91 -4.55
N ARG A 308 3.31 -5.12 -5.10
CA ARG A 308 2.38 -5.46 -6.20
C ARG A 308 1.49 -6.69 -6.05
N ARG A 309 1.21 -7.07 -4.83
CA ARG A 309 0.29 -8.22 -4.58
C ARG A 309 -1.06 -8.08 -5.32
N HIS A 310 -1.56 -6.85 -5.42
CA HIS A 310 -2.83 -6.60 -6.08
C HIS A 310 -2.67 -6.39 -7.57
N HIS A 311 -1.45 -6.54 -8.08
CA HIS A 311 -1.24 -6.29 -9.50
C HIS A 311 -1.30 -7.45 -10.45
N MET A 312 -1.58 -8.64 -9.94
CA MET A 312 -1.65 -9.79 -10.83
C MET A 312 -2.88 -9.63 -11.70
N ILE A 313 -2.75 -9.96 -12.99
CA ILE A 313 -3.87 -9.79 -13.91
C ILE A 313 -4.67 -11.10 -14.08
N THR A 314 -3.98 -12.14 -14.50
CA THR A 314 -4.64 -13.40 -14.70
C THR A 314 -3.79 -14.64 -14.39
N GLY A 315 -4.45 -15.67 -13.88
CA GLY A 315 -3.81 -16.96 -13.61
C GLY A 315 -4.78 -18.13 -13.93
N ARG A 316 -4.40 -19.37 -13.66
CA ARG A 316 -5.29 -20.52 -13.91
C ARG A 316 -5.00 -21.62 -12.87
N MET A 317 -6.07 -22.09 -12.23
CA MET A 317 -6.05 -23.12 -11.19
C MET A 317 -6.60 -24.37 -11.80
N ASP A 318 -5.87 -25.45 -11.60
CA ASP A 318 -6.20 -26.76 -12.10
C ASP A 318 -6.60 -27.65 -10.89
N PHE A 319 -7.74 -28.28 -11.03
CA PHE A 319 -8.34 -29.10 -9.99
C PHE A 319 -8.67 -30.48 -10.47
N CYS A 320 -8.91 -31.33 -9.46
CA CYS A 320 -9.48 -32.66 -9.69
C CYS A 320 -10.90 -32.50 -9.20
N MET A 321 -11.88 -32.79 -10.03
CA MET A 321 -13.27 -32.64 -9.59
C MET A 321 -14.18 -33.82 -9.89
N ASP A 322 -14.77 -34.41 -8.84
CA ASP A 322 -15.79 -35.45 -9.03
C ASP A 322 -16.57 -35.73 -7.76
N GLU A 323 -17.30 -36.86 -7.75
CA GLU A 323 -18.13 -37.19 -6.60
C GLU A 323 -17.40 -37.08 -5.29
N ARG A 324 -16.09 -37.37 -5.26
CA ARG A 324 -15.35 -37.27 -4.01
C ARG A 324 -14.99 -35.88 -3.52
N GLY A 325 -15.23 -34.87 -4.35
CA GLY A 325 -14.90 -33.53 -3.90
C GLY A 325 -14.12 -32.69 -4.89
N LEU A 326 -13.62 -31.54 -4.44
CA LEU A 326 -12.89 -30.66 -5.31
C LEU A 326 -11.53 -30.46 -4.70
N LYS A 327 -10.51 -30.75 -5.49
CA LYS A 327 -9.16 -30.62 -5.01
C LYS A 327 -8.28 -29.88 -6.05
N VAL A 328 -7.56 -28.84 -5.61
CA VAL A 328 -6.64 -28.07 -6.45
C VAL A 328 -5.31 -28.84 -6.55
N TYR A 329 -4.73 -28.90 -7.75
CA TYR A 329 -3.42 -29.51 -7.97
C TYR A 329 -2.37 -28.39 -8.10
N GLU A 330 -2.77 -27.34 -8.77
CA GLU A 330 -1.81 -26.27 -9.09
C GLU A 330 -2.47 -24.94 -9.45
N TYR A 331 -1.71 -23.86 -9.25
CA TYR A 331 -2.10 -22.52 -9.56
C TYR A 331 -0.96 -21.82 -10.34
N ASN A 332 -1.10 -21.63 -11.66
CA ASN A 332 -0.02 -20.98 -12.43
C ASN A 332 -0.42 -19.50 -12.44
N ALA A 333 0.28 -18.68 -11.68
CA ALA A 333 -0.04 -17.24 -11.62
C ALA A 333 0.90 -16.42 -12.50
N ASP A 334 1.90 -17.08 -13.09
CA ASP A 334 2.91 -16.39 -13.92
C ASP A 334 2.65 -16.45 -15.41
N SER A 335 2.57 -17.67 -15.98
CA SER A 335 2.38 -17.88 -17.40
C SER A 335 1.18 -18.75 -17.76
N ALA A 336 0.01 -18.50 -17.19
CA ALA A 336 -1.15 -19.31 -17.53
C ALA A 336 -1.60 -19.00 -18.97
N SER A 337 -2.14 -20.01 -19.65
CA SER A 337 -2.66 -19.88 -21.00
C SER A 337 -4.01 -20.68 -20.98
N CYS A 338 -4.54 -20.92 -22.16
CA CYS A 338 -5.82 -21.57 -22.42
C CYS A 338 -6.94 -20.52 -22.52
N HIS A 339 -6.63 -19.24 -22.29
CA HIS A 339 -7.67 -18.22 -22.38
C HIS A 339 -8.35 -18.14 -23.70
N THR A 340 -7.55 -18.18 -24.77
CA THR A 340 -8.09 -18.14 -26.13
C THR A 340 -9.02 -19.34 -26.39
N GLU A 341 -8.55 -20.53 -26.10
CA GLU A 341 -9.41 -21.68 -26.32
C GLU A 341 -10.72 -21.56 -25.53
N ALA A 342 -10.59 -21.20 -24.27
CA ALA A 342 -11.76 -21.13 -23.43
C ALA A 342 -12.61 -19.93 -23.70
N GLY A 343 -11.98 -18.77 -23.91
CA GLY A 343 -12.75 -17.55 -24.11
C GLY A 343 -13.17 -17.19 -25.53
N LEU A 344 -12.57 -17.81 -26.55
CA LEU A 344 -12.97 -17.46 -27.90
C LEU A 344 -13.32 -18.66 -28.77
N ILE A 345 -12.39 -19.61 -28.87
CA ILE A 345 -12.63 -20.77 -29.69
C ILE A 345 -13.86 -21.57 -29.19
N LEU A 346 -14.03 -21.77 -27.88
CA LEU A 346 -15.20 -22.51 -27.40
C LEU A 346 -16.51 -21.73 -27.68
N GLU A 347 -16.42 -20.39 -27.74
CA GLU A 347 -17.57 -19.56 -28.07
C GLU A 347 -17.95 -19.90 -29.48
N ARG A 348 -16.95 -20.04 -30.37
CA ARG A 348 -17.18 -20.38 -31.79
C ARG A 348 -17.79 -21.76 -31.87
N TRP A 349 -17.19 -22.67 -31.12
CA TRP A 349 -17.66 -24.02 -31.10
C TRP A 349 -19.13 -24.15 -30.71
N ALA A 350 -19.52 -23.43 -29.66
CA ALA A 350 -20.90 -23.51 -29.15
C ALA A 350 -21.88 -22.94 -30.17
N GLU A 351 -21.51 -21.80 -30.72
CA GLU A 351 -22.25 -21.10 -31.71
C GLU A 351 -22.49 -22.01 -32.90
N GLN A 352 -21.41 -22.59 -33.40
CA GLN A 352 -21.47 -23.46 -34.56
C GLN A 352 -22.15 -24.83 -34.33
N GLY A 353 -22.20 -25.31 -33.10
CA GLY A 353 -22.79 -26.63 -32.95
C GLY A 353 -23.65 -26.95 -31.76
N TYR A 354 -23.68 -26.10 -30.74
CA TYR A 354 -24.47 -26.41 -29.57
C TYR A 354 -25.80 -25.71 -29.66
N LYS A 355 -26.89 -26.41 -29.36
CA LYS A 355 -28.20 -25.78 -29.46
C LYS A 355 -29.00 -25.94 -28.17
N GLY A 356 -28.32 -26.32 -27.10
CA GLY A 356 -28.96 -26.51 -25.80
C GLY A 356 -29.12 -25.22 -25.00
N ASN A 357 -29.57 -25.35 -23.75
CA ASN A 357 -29.81 -24.21 -22.87
C ASN A 357 -28.68 -23.79 -21.96
N GLY A 358 -27.59 -24.57 -21.93
CA GLY A 358 -26.49 -24.25 -21.06
C GLY A 358 -25.60 -23.18 -21.70
N PHE A 359 -24.56 -22.79 -20.96
CA PHE A 359 -23.61 -21.80 -21.42
C PHE A 359 -22.11 -22.26 -21.20
N ASN A 360 -21.17 -21.64 -21.92
CA ASN A 360 -19.75 -21.93 -21.77
C ASN A 360 -19.35 -21.02 -20.61
N PRO A 361 -18.92 -21.59 -19.48
CA PRO A 361 -18.51 -20.86 -18.29
C PRO A 361 -17.32 -19.90 -18.40
N ALA A 362 -16.63 -19.92 -19.54
CA ALA A 362 -15.51 -19.01 -19.69
C ALA A 362 -15.90 -17.91 -20.69
N GLU A 363 -17.19 -17.82 -20.98
CA GLU A 363 -17.66 -16.85 -21.93
C GLU A 363 -17.39 -15.40 -21.49
N GLY A 364 -17.26 -15.11 -20.21
CA GLY A 364 -17.03 -13.71 -19.87
C GLY A 364 -15.57 -13.30 -19.72
N LEU A 365 -14.68 -14.21 -20.11
CA LEU A 365 -13.23 -14.04 -19.96
C LEU A 365 -12.68 -12.79 -20.56
N ILE A 366 -12.96 -12.51 -21.81
CA ILE A 366 -12.43 -11.29 -22.42
C ILE A 366 -12.88 -10.04 -21.67
N ASN A 367 -14.16 -9.91 -21.35
CA ASN A 367 -14.58 -8.74 -20.60
C ASN A 367 -13.99 -8.68 -19.20
N GLU A 368 -13.84 -9.82 -18.50
CA GLU A 368 -13.23 -9.74 -17.18
C GLU A 368 -11.76 -9.20 -17.31
N LEU A 369 -11.04 -9.64 -18.34
CA LEU A 369 -9.64 -9.22 -18.53
C LEU A 369 -9.57 -7.74 -18.84
N ALA A 370 -10.47 -7.25 -19.68
CA ALA A 370 -10.56 -5.81 -20.02
C ALA A 370 -10.77 -5.00 -18.73
N GLY A 371 -11.73 -5.41 -17.91
CA GLY A 371 -11.89 -4.69 -16.67
C GLY A 371 -10.63 -4.63 -15.83
N ALA A 372 -9.95 -5.78 -15.73
CA ALA A 372 -8.75 -5.85 -14.90
C ALA A 372 -7.69 -4.86 -15.40
N TRP A 373 -7.51 -4.83 -16.71
CA TRP A 373 -6.52 -3.91 -17.30
C TRP A 373 -6.97 -2.45 -17.08
N LYS A 374 -8.24 -2.18 -17.27
CA LYS A 374 -8.69 -0.83 -17.09
C LYS A 374 -8.44 -0.38 -15.65
N HIS A 375 -8.65 -1.28 -14.70
CA HIS A 375 -8.44 -0.91 -13.33
C HIS A 375 -7.00 -1.17 -12.82
N SER A 376 -6.05 -1.43 -13.70
CA SER A 376 -4.68 -1.64 -13.25
C SER A 376 -3.92 -0.31 -13.22
N ARG A 377 -2.64 -0.41 -12.92
CA ARG A 377 -1.79 0.75 -12.91
C ARG A 377 -0.93 0.68 -14.17
N ALA A 378 -1.34 -0.10 -15.16
CA ALA A 378 -0.57 -0.23 -16.38
C ALA A 378 -0.46 1.12 -17.08
N ARG A 379 0.66 1.32 -17.76
CA ARG A 379 0.87 2.57 -18.48
C ARG A 379 0.07 2.62 -19.76
N PRO A 380 -0.19 3.83 -20.29
CA PRO A 380 -0.97 3.99 -21.51
C PRO A 380 -0.49 3.16 -22.68
N PHE A 381 0.80 2.98 -22.81
CA PHE A 381 1.25 2.17 -23.94
C PHE A 381 1.87 0.91 -23.41
N VAL A 382 1.36 -0.23 -23.82
CA VAL A 382 1.91 -1.48 -23.30
C VAL A 382 2.55 -2.34 -24.36
N HIS A 383 3.83 -2.65 -24.19
CA HIS A 383 4.47 -3.57 -25.13
C HIS A 383 4.17 -5.03 -24.71
N ILE A 384 3.70 -5.85 -25.66
CA ILE A 384 3.44 -7.26 -25.40
C ILE A 384 4.68 -8.06 -25.85
N MET A 385 5.33 -8.76 -24.92
CA MET A 385 6.54 -9.49 -25.29
C MET A 385 6.30 -10.99 -25.31
N GLN A 386 6.50 -11.58 -26.48
CA GLN A 386 6.34 -13.00 -26.67
C GLN A 386 7.59 -13.57 -27.33
N ASP A 387 7.80 -14.87 -27.13
CA ASP A 387 8.88 -15.55 -27.78
C ASP A 387 8.40 -15.91 -29.22
N LYS A 388 9.33 -16.30 -30.09
CA LYS A 388 9.00 -16.70 -31.48
C LYS A 388 8.48 -18.15 -31.45
N ASP A 389 7.21 -18.28 -31.14
CA ASP A 389 6.58 -19.57 -30.93
C ASP A 389 5.14 -19.40 -31.40
N ILE A 390 4.70 -20.37 -32.21
CA ILE A 390 3.37 -20.37 -32.80
C ILE A 390 2.16 -20.31 -31.89
N GLU A 391 2.18 -20.97 -30.73
CA GLU A 391 1.01 -20.89 -29.83
C GLU A 391 1.02 -19.60 -29.05
N GLU A 392 2.20 -19.03 -28.90
CA GLU A 392 2.27 -17.79 -28.17
C GLU A 392 1.73 -16.64 -29.00
N ASN A 393 1.73 -16.80 -30.32
CA ASN A 393 1.22 -15.78 -31.22
C ASN A 393 -0.22 -15.49 -30.91
N TYR A 394 -1.06 -16.51 -30.80
CA TYR A 394 -2.50 -16.26 -30.52
C TYR A 394 -2.83 -15.87 -29.08
N HIS A 395 -2.03 -16.36 -28.14
CA HIS A 395 -2.26 -15.98 -26.74
C HIS A 395 -1.94 -14.46 -26.62
N ALA A 396 -0.82 -14.04 -27.25
CA ALA A 396 -0.45 -12.59 -27.23
C ALA A 396 -1.56 -11.73 -27.89
N GLN A 397 -2.02 -12.12 -29.06
CA GLN A 397 -3.09 -11.39 -29.71
C GLN A 397 -4.42 -11.40 -28.94
N PHE A 398 -4.79 -12.51 -28.30
CA PHE A 398 -6.02 -12.54 -27.50
C PHE A 398 -5.90 -11.47 -26.41
N MET A 399 -4.80 -11.50 -25.68
CA MET A 399 -4.56 -10.50 -24.62
C MET A 399 -4.51 -9.05 -25.18
N GLU A 400 -3.95 -8.90 -26.37
CA GLU A 400 -3.89 -7.57 -26.99
C GLU A 400 -5.31 -7.03 -27.21
N GLN A 401 -6.21 -7.91 -27.58
CA GLN A 401 -7.58 -7.52 -27.80
C GLN A 401 -8.21 -6.99 -26.51
N ALA A 402 -7.87 -7.61 -25.37
CA ALA A 402 -8.44 -7.14 -24.11
C ALA A 402 -7.81 -5.79 -23.73
N LEU A 403 -6.52 -5.63 -24.03
CA LEU A 403 -5.87 -4.38 -23.71
C LEU A 403 -6.54 -3.27 -24.54
N HIS A 404 -6.79 -3.52 -25.82
CA HIS A 404 -7.41 -2.50 -26.64
C HIS A 404 -8.78 -2.11 -26.10
N GLN A 405 -9.57 -3.12 -25.75
CA GLN A 405 -10.90 -2.94 -25.23
C GLN A 405 -10.85 -2.08 -23.96
N ALA A 406 -9.78 -2.21 -23.21
CA ALA A 406 -9.64 -1.44 -21.99
C ALA A 406 -9.03 -0.06 -22.21
N GLY A 407 -8.75 0.30 -23.46
CA GLY A 407 -8.20 1.63 -23.74
C GLY A 407 -6.69 1.77 -23.91
N PHE A 408 -5.96 0.67 -23.91
CA PHE A 408 -4.52 0.70 -24.03
C PHE A 408 -4.05 0.60 -25.46
N GLU A 409 -2.93 1.23 -25.73
CA GLU A 409 -2.31 1.10 -27.03
C GLU A 409 -1.29 0.00 -26.79
N THR A 410 -0.89 -0.69 -27.85
CA THR A 410 0.05 -1.81 -27.72
C THR A 410 0.96 -1.99 -28.94
N ARG A 411 1.99 -2.82 -28.78
CA ARG A 411 2.89 -3.22 -29.88
C ARG A 411 3.45 -4.59 -29.45
N ILE A 412 3.37 -5.58 -30.34
CA ILE A 412 3.85 -6.90 -30.01
C ILE A 412 5.27 -7.07 -30.49
N LEU A 413 6.12 -7.51 -29.58
CA LEU A 413 7.53 -7.79 -29.78
C LEU A 413 7.68 -9.30 -29.79
N ARG A 414 8.26 -9.82 -30.86
CA ARG A 414 8.46 -11.26 -31.00
C ARG A 414 9.97 -11.47 -30.87
N GLY A 415 10.35 -12.19 -29.84
CA GLY A 415 11.77 -12.36 -29.56
C GLY A 415 12.31 -11.00 -29.12
N LEU A 416 13.60 -10.92 -28.97
CA LEU A 416 14.22 -9.70 -28.51
C LEU A 416 14.96 -8.82 -29.52
N ASP A 417 14.94 -9.19 -30.78
CA ASP A 417 15.75 -8.44 -31.74
C ASP A 417 15.50 -6.97 -32.03
N GLU A 418 14.25 -6.52 -32.02
CA GLU A 418 14.01 -5.12 -32.32
C GLU A 418 14.31 -4.20 -31.12
N LEU A 419 14.48 -4.79 -29.96
CA LEU A 419 14.77 -4.00 -28.78
C LEU A 419 16.16 -3.40 -28.74
N GLY A 420 16.24 -2.15 -28.29
CA GLY A 420 17.54 -1.51 -28.15
C GLY A 420 17.57 -0.48 -27.02
N TRP A 421 18.66 0.22 -26.92
CA TRP A 421 18.81 1.26 -25.91
C TRP A 421 19.13 2.58 -26.59
N ASP A 422 18.56 3.66 -26.13
CA ASP A 422 18.83 4.95 -26.75
C ASP A 422 20.14 5.50 -26.17
N ALA A 423 20.46 6.73 -26.52
CA ALA A 423 21.70 7.35 -26.05
C ALA A 423 21.76 7.43 -24.53
N ALA A 424 20.62 7.57 -23.89
CA ALA A 424 20.58 7.64 -22.44
C ALA A 424 20.51 6.23 -21.78
N GLY A 425 20.72 5.17 -22.58
CA GLY A 425 20.69 3.82 -22.06
C GLY A 425 19.31 3.34 -21.63
N GLN A 426 18.25 3.96 -22.13
CA GLN A 426 16.88 3.59 -21.79
C GLN A 426 16.40 2.67 -22.92
N LEU A 427 15.58 1.67 -22.59
CA LEU A 427 15.10 0.72 -23.61
C LEU A 427 14.07 1.30 -24.56
N ILE A 428 14.22 0.92 -25.82
CA ILE A 428 13.32 1.42 -26.84
C ILE A 428 12.98 0.31 -27.80
N ASP A 429 11.84 0.44 -28.47
CA ASP A 429 11.45 -0.58 -29.44
C ASP A 429 11.99 -0.17 -30.84
N GLY A 430 11.71 -0.99 -31.86
CA GLY A 430 12.20 -0.78 -33.22
C GLY A 430 11.87 0.56 -33.80
N GLU A 431 10.86 1.21 -33.25
CA GLU A 431 10.40 2.50 -33.70
C GLU A 431 10.98 3.58 -32.82
N GLY A 432 11.90 3.27 -31.92
CA GLY A 432 12.40 4.31 -31.02
C GLY A 432 11.43 4.76 -29.88
N ARG A 433 10.35 4.01 -29.65
CA ARG A 433 9.49 4.40 -28.54
C ARG A 433 10.07 3.79 -27.28
N LEU A 434 10.05 4.54 -26.19
CA LEU A 434 10.49 4.00 -24.91
C LEU A 434 9.59 2.78 -24.44
N VAL A 435 10.26 1.75 -23.95
CA VAL A 435 9.58 0.56 -23.45
C VAL A 435 9.51 0.72 -21.92
N ASN A 436 8.33 1.00 -21.38
CA ASN A 436 8.22 1.12 -19.95
C ASN A 436 7.06 0.33 -19.30
N CYS A 437 6.37 -0.48 -20.06
CA CYS A 437 5.29 -1.27 -19.49
C CYS A 437 5.18 -2.44 -20.41
N VAL A 438 5.35 -3.62 -19.83
CA VAL A 438 5.32 -4.86 -20.58
C VAL A 438 4.37 -5.89 -20.01
N TRP A 439 3.61 -6.56 -20.87
CA TRP A 439 2.81 -7.73 -20.49
C TRP A 439 3.57 -8.83 -21.26
N LYS A 440 4.01 -9.86 -20.57
CA LYS A 440 4.80 -10.89 -21.27
C LYS A 440 4.07 -12.23 -21.32
N THR A 441 4.31 -13.02 -22.37
CA THR A 441 3.82 -14.39 -22.46
C THR A 441 5.02 -15.29 -21.99
N TRP A 442 6.23 -14.71 -21.96
CA TRP A 442 7.46 -15.37 -21.54
C TRP A 442 7.33 -15.75 -20.06
N ALA A 443 7.81 -16.91 -19.68
CA ALA A 443 7.75 -17.23 -18.26
C ALA A 443 8.92 -16.49 -17.56
N TRP A 444 8.73 -16.00 -16.33
CA TRP A 444 9.83 -15.36 -15.61
C TRP A 444 11.12 -16.21 -15.51
N GLU A 445 10.93 -17.51 -15.39
CA GLU A 445 12.03 -18.44 -15.24
C GLU A 445 13.00 -18.42 -16.42
N THR A 446 12.50 -18.07 -17.60
CA THR A 446 13.35 -17.99 -18.76
C THR A 446 14.40 -16.89 -18.53
N ALA A 447 13.97 -15.82 -17.87
CA ALA A 447 14.86 -14.71 -17.55
C ALA A 447 15.78 -15.09 -16.40
N PHE A 448 15.22 -15.81 -15.44
CA PHE A 448 15.98 -16.21 -14.27
C PHE A 448 17.19 -16.98 -14.76
N ASP A 449 16.94 -17.85 -15.74
CA ASP A 449 18.00 -18.68 -16.25
C ASP A 449 19.18 -17.87 -16.76
N GLN A 450 18.94 -16.66 -17.28
CA GLN A 450 20.01 -15.87 -17.81
C GLN A 450 20.95 -15.29 -16.78
N ILE A 451 20.62 -15.36 -15.50
CA ILE A 451 21.47 -14.80 -14.47
C ILE A 451 21.65 -15.75 -13.29
N ARG A 452 21.33 -17.01 -13.54
CA ARG A 452 21.49 -18.04 -12.55
C ARG A 452 22.93 -18.10 -12.00
N GLU A 453 23.94 -17.76 -12.81
CA GLU A 453 25.31 -17.82 -12.31
C GLU A 453 25.78 -16.51 -11.64
N VAL A 454 24.90 -15.53 -11.52
CA VAL A 454 25.32 -14.30 -10.87
C VAL A 454 25.20 -14.46 -9.37
N SER A 455 26.33 -14.47 -8.69
CA SER A 455 26.37 -14.63 -7.25
C SER A 455 26.00 -13.39 -6.45
N ASP A 456 25.15 -13.57 -5.45
CA ASP A 456 24.77 -12.42 -4.61
C ASP A 456 25.84 -12.09 -3.57
N ARG A 457 26.96 -12.81 -3.62
CA ARG A 457 28.08 -12.51 -2.76
C ARG A 457 29.08 -11.64 -3.53
N GLU A 458 29.07 -11.74 -4.85
CA GLU A 458 30.00 -10.95 -5.67
C GLU A 458 29.35 -9.67 -6.15
N PHE A 459 28.09 -9.76 -6.53
CA PHE A 459 27.39 -8.60 -7.03
C PHE A 459 26.37 -8.05 -6.07
N ALA A 460 26.31 -6.72 -5.95
CA ALA A 460 25.33 -6.05 -5.10
C ALA A 460 23.89 -6.16 -5.66
N ALA A 461 23.75 -6.40 -6.96
CA ALA A 461 22.43 -6.45 -7.56
C ALA A 461 22.61 -7.01 -8.94
N VAL A 462 21.53 -7.25 -9.66
CA VAL A 462 21.69 -7.86 -10.96
C VAL A 462 22.36 -6.93 -11.98
N PRO A 463 23.53 -7.36 -12.51
CA PRO A 463 24.32 -6.62 -13.50
C PRO A 463 23.70 -6.62 -14.87
N ILE A 464 22.49 -6.08 -15.01
CA ILE A 464 21.84 -6.05 -16.28
C ILE A 464 22.50 -5.00 -17.19
N ARG A 465 22.40 -5.25 -18.48
CA ARG A 465 22.92 -4.38 -19.52
C ARG A 465 22.01 -3.19 -19.75
N THR A 466 22.68 -2.08 -20.08
CA THR A 466 22.03 -0.84 -20.41
C THR A 466 22.75 -0.36 -21.68
N GLY A 467 23.36 -1.31 -22.38
CA GLY A 467 24.07 -1.00 -23.61
C GLY A 467 24.84 -2.22 -24.03
N HIS A 468 25.18 -2.32 -25.30
CA HIS A 468 25.91 -3.54 -25.70
C HIS A 468 26.49 -3.37 -27.09
N PRO A 469 27.70 -3.91 -27.31
CA PRO A 469 28.41 -3.83 -28.59
C PRO A 469 27.46 -3.96 -29.82
N GLN A 470 26.63 -5.01 -29.87
CA GLN A 470 25.71 -5.18 -30.99
C GLN A 470 24.26 -4.81 -30.61
N ASN A 471 24.10 -3.90 -29.65
CA ASN A 471 22.77 -3.51 -29.17
C ASN A 471 21.92 -4.84 -28.95
N GLU A 472 22.50 -5.80 -28.25
CA GLU A 472 21.82 -7.06 -27.96
C GLU A 472 21.11 -7.01 -26.59
N VAL A 473 19.79 -6.90 -26.60
CA VAL A 473 19.02 -6.83 -25.34
C VAL A 473 18.54 -8.23 -24.93
N ARG A 474 18.77 -8.63 -23.69
CA ARG A 474 18.28 -9.95 -23.23
C ARG A 474 16.95 -9.74 -22.53
N LEU A 475 16.16 -10.81 -22.42
CA LEU A 475 14.87 -10.74 -21.74
C LEU A 475 15.05 -10.18 -20.30
N ILE A 476 16.07 -10.65 -19.61
CA ILE A 476 16.32 -10.19 -18.28
C ILE A 476 16.70 -8.71 -18.22
N ASP A 477 17.34 -8.19 -19.29
CA ASP A 477 17.69 -6.75 -19.31
C ASP A 477 16.44 -5.90 -19.42
N VAL A 478 15.31 -6.47 -19.82
CA VAL A 478 14.07 -5.69 -19.87
C VAL A 478 13.29 -5.91 -18.57
N LEU A 479 12.88 -7.14 -18.29
CA LEU A 479 12.07 -7.46 -17.12
C LEU A 479 12.58 -6.95 -15.79
N LEU A 480 13.91 -6.90 -15.58
CA LEU A 480 14.49 -6.40 -14.33
C LEU A 480 14.87 -4.92 -14.35
N ARG A 481 14.48 -4.22 -15.38
CA ARG A 481 14.80 -2.80 -15.49
C ARG A 481 13.84 -1.99 -14.60
N PRO A 482 14.37 -1.15 -13.71
CA PRO A 482 13.48 -0.40 -12.82
C PRO A 482 12.38 0.44 -13.48
N GLU A 483 12.69 0.99 -14.64
CA GLU A 483 11.72 1.83 -15.33
C GLU A 483 10.60 1.06 -16.04
N VAL A 484 10.79 -0.24 -16.18
CA VAL A 484 9.80 -1.09 -16.82
C VAL A 484 8.81 -1.72 -15.84
N LEU A 485 7.52 -1.49 -16.07
CA LEU A 485 6.48 -2.05 -15.22
C LEU A 485 5.98 -3.37 -15.90
N VAL A 486 6.32 -4.48 -15.29
CA VAL A 486 6.03 -5.80 -15.85
C VAL A 486 4.83 -6.56 -15.32
N PHE A 487 4.07 -7.13 -16.24
CA PHE A 487 2.97 -8.00 -15.88
C PHE A 487 3.22 -9.35 -16.58
N GLU A 488 3.07 -10.47 -15.85
CA GLU A 488 2.71 -10.51 -14.41
C GLU A 488 3.88 -10.16 -13.51
N PRO A 489 3.63 -9.62 -12.32
CA PRO A 489 4.72 -9.27 -11.41
C PRO A 489 5.58 -10.47 -11.06
N LEU A 490 6.83 -10.15 -10.76
CA LEU A 490 7.86 -11.10 -10.43
C LEU A 490 7.38 -12.08 -9.29
N TRP A 491 6.62 -11.64 -8.26
CA TRP A 491 6.21 -12.56 -7.21
C TRP A 491 5.32 -13.74 -7.65
N THR A 492 4.63 -13.61 -8.75
CA THR A 492 3.71 -14.64 -9.24
C THR A 492 4.35 -15.98 -9.63
N VAL A 493 5.65 -16.04 -9.50
CA VAL A 493 6.40 -17.24 -9.78
C VAL A 493 6.22 -18.22 -8.57
N ILE A 494 5.92 -17.68 -7.41
CA ILE A 494 5.79 -18.51 -6.19
C ILE A 494 4.57 -19.49 -6.13
N PRO A 495 3.36 -19.01 -6.47
CA PRO A 495 2.21 -19.93 -6.43
C PRO A 495 2.29 -21.22 -7.29
N GLY A 496 2.89 -21.13 -8.46
CA GLY A 496 2.95 -22.29 -9.33
C GLY A 496 4.00 -23.34 -9.04
N ASN A 497 4.90 -23.08 -8.09
CA ASN A 497 5.94 -24.01 -7.75
C ASN A 497 5.39 -25.06 -6.72
N LYS A 498 5.54 -26.36 -7.02
CA LYS A 498 5.11 -27.51 -6.16
C LYS A 498 5.58 -27.39 -4.75
N ALA A 499 6.75 -26.76 -4.55
CA ALA A 499 7.25 -26.59 -3.18
C ALA A 499 6.29 -25.79 -2.31
N ILE A 500 5.29 -25.16 -2.91
CA ILE A 500 4.38 -24.37 -2.07
C ILE A 500 3.25 -25.23 -1.48
N LEU A 501 3.04 -26.40 -2.07
CA LEU A 501 1.94 -27.26 -1.61
C LEU A 501 2.07 -27.63 -0.12
N PRO A 502 3.28 -27.97 0.34
CA PRO A 502 3.34 -28.30 1.77
C PRO A 502 3.10 -27.07 2.67
N ILE A 503 3.41 -25.85 2.19
CA ILE A 503 3.22 -24.66 3.00
C ILE A 503 1.73 -24.34 3.12
N LEU A 504 1.08 -24.48 1.97
CA LEU A 504 -0.36 -24.28 1.82
C LEU A 504 -1.03 -25.24 2.82
N TRP A 505 -0.67 -26.53 2.74
CA TRP A 505 -1.24 -27.49 3.67
C TRP A 505 -1.01 -27.07 5.13
N SER A 506 0.21 -26.72 5.52
CA SER A 506 0.46 -26.31 6.89
C SER A 506 -0.32 -25.09 7.36
N LEU A 507 -0.70 -24.25 6.41
CA LEU A 507 -1.42 -23.06 6.78
C LEU A 507 -2.92 -23.32 6.91
N PHE A 508 -3.44 -24.28 6.14
CA PHE A 508 -4.85 -24.61 6.18
C PHE A 508 -4.97 -26.14 6.20
N PRO A 509 -4.50 -26.78 7.29
CA PRO A 509 -4.59 -28.26 7.35
C PRO A 509 -6.04 -28.84 7.23
N HIS A 510 -6.17 -29.91 6.45
CA HIS A 510 -7.47 -30.55 6.21
C HIS A 510 -8.52 -29.66 5.59
N HIS A 511 -8.10 -28.61 4.90
CA HIS A 511 -9.05 -27.72 4.23
C HIS A 511 -9.66 -28.56 3.13
N ARG A 512 -10.95 -28.41 2.90
CA ARG A 512 -11.66 -29.23 1.89
C ARG A 512 -11.17 -29.18 0.49
N TYR A 513 -10.44 -28.11 0.12
CA TYR A 513 -9.95 -28.06 -1.25
C TYR A 513 -8.52 -28.51 -1.47
N LEU A 514 -7.82 -28.79 -0.38
CA LEU A 514 -6.41 -29.16 -0.45
C LEU A 514 -6.14 -30.65 -0.35
N LEU A 515 -4.93 -31.04 -0.76
CA LEU A 515 -4.47 -32.41 -0.74
C LEU A 515 -3.36 -32.41 0.31
N ASP A 516 -3.35 -33.41 1.18
CA ASP A 516 -2.34 -33.52 2.21
C ASP A 516 -0.98 -33.61 1.47
N THR A 517 -0.09 -32.66 1.75
CA THR A 517 1.23 -32.60 1.12
C THR A 517 2.27 -32.18 2.13
N ASP A 518 3.41 -32.84 2.12
CA ASP A 518 4.44 -32.48 3.09
C ASP A 518 5.81 -32.71 2.47
N PHE A 519 6.87 -32.30 3.16
CA PHE A 519 8.21 -32.51 2.65
C PHE A 519 8.72 -33.90 3.11
N THR A 520 8.12 -34.38 4.20
CA THR A 520 8.42 -35.66 4.82
C THR A 520 7.18 -36.56 4.61
N VAL A 521 7.34 -37.88 4.70
CA VAL A 521 6.20 -38.81 4.52
C VAL A 521 5.38 -39.05 5.81
N ASN A 522 4.12 -38.64 5.78
CA ASN A 522 3.23 -38.74 6.95
C ASN A 522 2.73 -40.16 7.28
N TYR A 530 0.19 -41.89 -1.63
CA TYR A 530 1.45 -41.14 -1.36
C TYR A 530 2.37 -40.92 -2.58
N ALA A 531 1.94 -40.14 -3.57
CA ALA A 531 2.80 -39.88 -4.72
C ALA A 531 4.00 -39.02 -4.29
N VAL A 532 5.12 -39.20 -4.97
CA VAL A 532 6.30 -38.43 -4.64
C VAL A 532 6.64 -37.56 -5.84
N LYS A 533 6.70 -36.25 -5.62
CA LYS A 533 7.03 -35.31 -6.69
C LYS A 533 8.35 -34.58 -6.40
N PRO A 534 9.21 -34.48 -7.42
CA PRO A 534 10.51 -33.81 -7.27
C PRO A 534 10.43 -32.28 -7.43
N LYS A 564 15.47 -34.07 -1.81
CA LYS A 564 14.41 -33.01 -1.73
C LYS A 564 13.16 -33.32 -2.60
N ASN A 565 12.09 -33.79 -1.93
CA ASN A 565 10.79 -34.16 -2.57
C ASN A 565 9.59 -33.70 -1.75
N ILE A 566 8.43 -33.65 -2.41
CA ILE A 566 7.15 -33.34 -1.73
C ILE A 566 6.32 -34.62 -1.92
N TYR A 567 5.63 -35.00 -0.86
CA TYR A 567 4.79 -36.18 -0.86
C TYR A 567 3.37 -35.65 -0.68
N GLN A 568 2.48 -36.08 -1.55
CA GLN A 568 1.08 -35.66 -1.53
C GLN A 568 0.14 -36.85 -1.63
N GLN A 569 -1.02 -36.75 -0.98
CA GLN A 569 -1.94 -37.86 -1.02
C GLN A 569 -2.33 -38.13 -2.43
N LEU A 570 -2.45 -39.42 -2.72
CA LEU A 570 -2.83 -39.94 -4.02
C LEU A 570 -4.21 -39.39 -4.28
N TRP A 571 -4.46 -38.92 -5.50
CA TRP A 571 -5.77 -38.38 -5.84
C TRP A 571 -5.76 -38.12 -7.32
N CYS A 572 -6.17 -39.16 -8.06
CA CYS A 572 -6.18 -39.18 -9.50
C CYS A 572 -7.42 -38.62 -10.18
N LEU A 573 -7.19 -38.06 -11.37
CA LEU A 573 -8.25 -37.48 -12.16
C LEU A 573 -9.25 -38.54 -12.63
N PRO A 574 -10.53 -38.17 -12.69
CA PRO A 574 -11.53 -39.15 -13.14
C PRO A 574 -11.41 -39.34 -14.66
N LYS A 575 -11.72 -40.54 -15.17
CA LYS A 575 -11.69 -40.79 -16.63
C LYS A 575 -13.15 -40.60 -17.00
N VAL A 576 -13.49 -39.87 -18.06
CA VAL A 576 -14.92 -39.76 -18.30
C VAL A 576 -15.37 -40.40 -19.58
N ASP A 577 -15.11 -39.85 -20.75
CA ASP A 577 -15.58 -40.68 -21.89
C ASP A 577 -14.33 -41.09 -22.62
N GLY A 578 -13.50 -41.86 -21.92
CA GLY A 578 -12.24 -42.27 -22.55
C GLY A 578 -11.05 -41.40 -22.16
N LYS A 579 -11.28 -40.25 -21.54
CA LYS A 579 -10.14 -39.37 -21.14
C LYS A 579 -10.16 -38.99 -19.66
N TYR A 580 -8.98 -38.69 -19.12
CA TYR A 580 -8.83 -38.17 -17.76
C TYR A 580 -9.10 -36.69 -17.94
N ILE A 581 -10.00 -36.14 -17.13
CA ILE A 581 -10.40 -34.77 -17.27
C ILE A 581 -10.01 -33.94 -16.06
N GLN A 582 -9.40 -32.80 -16.33
CA GLN A 582 -8.94 -31.83 -15.34
C GLN A 582 -9.86 -30.62 -15.45
N VAL A 583 -10.27 -30.05 -14.32
CA VAL A 583 -11.13 -28.86 -14.38
C VAL A 583 -10.26 -27.68 -14.04
N CYS A 584 -10.37 -26.62 -14.82
CA CYS A 584 -9.50 -25.45 -14.60
C CYS A 584 -10.28 -24.14 -14.56
N THR A 585 -9.97 -23.36 -13.55
CA THR A 585 -10.61 -22.06 -13.51
C THR A 585 -9.57 -20.93 -13.73
N PHE A 586 -9.99 -19.87 -14.37
CA PHE A 586 -9.13 -18.69 -14.53
C PHE A 586 -9.35 -17.69 -13.42
N THR A 587 -8.25 -17.19 -12.86
CA THR A 587 -8.42 -16.08 -11.93
C THR A 587 -8.11 -14.81 -12.75
N VAL A 588 -8.87 -13.75 -12.48
CA VAL A 588 -8.70 -12.47 -13.14
C VAL A 588 -8.79 -11.40 -12.02
N GLY A 589 -7.65 -10.78 -11.74
CA GLY A 589 -7.55 -9.78 -10.69
C GLY A 589 -7.85 -10.47 -9.36
N GLY A 590 -7.52 -11.76 -9.24
CA GLY A 590 -7.80 -12.46 -8.00
C GLY A 590 -9.22 -13.05 -7.91
N ASN A 591 -10.08 -12.68 -8.86
CA ASN A 591 -11.45 -13.13 -8.91
C ASN A 591 -11.65 -14.19 -10.02
N TYR A 592 -12.79 -14.87 -9.96
CA TYR A 592 -13.13 -15.92 -10.89
C TYR A 592 -13.38 -15.38 -12.25
N GLY A 593 -12.74 -15.98 -13.24
CA GLY A 593 -12.95 -15.53 -14.59
C GLY A 593 -13.53 -16.57 -15.53
N GLY A 594 -13.83 -17.76 -15.02
CA GLY A 594 -14.38 -18.80 -15.89
C GLY A 594 -13.75 -20.15 -15.59
N THR A 595 -14.30 -21.16 -16.25
CA THR A 595 -13.86 -22.54 -16.13
C THR A 595 -13.63 -23.14 -17.54
N CYS A 596 -12.70 -24.07 -17.62
CA CYS A 596 -12.55 -24.80 -18.88
C CYS A 596 -12.12 -26.20 -18.45
N LEU A 597 -12.12 -27.13 -19.39
CA LEU A 597 -11.72 -28.49 -19.11
C LEU A 597 -10.51 -28.83 -19.97
N ARG A 598 -9.63 -29.66 -19.43
CA ARG A 598 -8.50 -30.17 -20.19
C ARG A 598 -8.53 -31.67 -19.98
N GLY A 599 -8.30 -32.38 -21.07
CA GLY A 599 -8.32 -33.82 -20.97
C GLY A 599 -7.21 -34.55 -21.73
N ASP A 600 -6.89 -35.75 -21.27
CA ASP A 600 -5.84 -36.51 -21.91
C ASP A 600 -6.07 -38.00 -21.74
N GLU A 601 -5.51 -38.77 -22.65
CA GLU A 601 -5.63 -40.22 -22.56
C GLU A 601 -4.79 -40.72 -21.40
N SER A 602 -3.71 -40.03 -21.13
CA SER A 602 -2.81 -40.35 -20.03
C SER A 602 -3.38 -39.77 -18.70
N LEU A 603 -2.99 -40.34 -17.56
CA LEU A 603 -3.49 -39.85 -16.29
C LEU A 603 -2.92 -38.45 -15.96
N VAL A 604 -1.80 -38.08 -16.58
CA VAL A 604 -1.20 -36.76 -16.33
C VAL A 604 -1.39 -35.83 -17.52
N ILE A 605 -2.08 -34.73 -17.28
CA ILE A 605 -2.34 -33.75 -18.32
C ILE A 605 -1.04 -33.01 -18.59
N LYS A 606 -0.72 -32.82 -19.88
CA LYS A 606 0.47 -32.07 -20.24
C LYS A 606 0.00 -30.70 -20.80
N LYS A 607 0.92 -29.79 -21.11
CA LYS A 607 0.52 -28.48 -21.66
C LYS A 607 -0.03 -28.62 -23.07
N GLU A 608 0.33 -29.73 -23.71
CA GLU A 608 -0.13 -30.02 -25.05
C GLU A 608 -1.49 -30.67 -24.99
N SER A 609 -1.90 -31.02 -23.77
CA SER A 609 -3.20 -31.63 -23.58
C SER A 609 -4.26 -30.68 -24.07
N ASP A 610 -5.25 -31.31 -24.65
CA ASP A 610 -6.40 -30.74 -25.26
C ASP A 610 -7.43 -30.05 -24.35
N ILE A 611 -7.94 -28.89 -24.81
CA ILE A 611 -9.01 -28.20 -24.13
C ILE A 611 -10.29 -28.95 -24.59
N GLU A 612 -11.21 -29.23 -23.68
CA GLU A 612 -12.43 -29.90 -24.08
C GLU A 612 -13.68 -29.02 -23.96
N PRO A 613 -14.52 -29.00 -25.00
CA PRO A 613 -15.75 -28.20 -25.00
C PRO A 613 -16.42 -28.43 -23.66
N LEU A 614 -16.87 -27.36 -23.01
CA LEU A 614 -17.55 -27.50 -21.73
C LEU A 614 -18.87 -26.67 -21.66
N ILE A 615 -19.97 -27.31 -21.27
CA ILE A 615 -21.26 -26.58 -21.13
C ILE A 615 -21.75 -26.78 -19.68
N VAL A 616 -22.21 -25.72 -19.03
CA VAL A 616 -22.75 -25.80 -17.67
C VAL A 616 -24.27 -25.85 -17.82
N VAL A 617 -24.90 -26.89 -17.28
CA VAL A 617 -26.37 -27.00 -17.38
C VAL A 617 -27.11 -27.17 -16.05
N LYS A 618 -28.39 -26.85 -16.06
CA LYS A 618 -29.24 -27.06 -14.89
C LYS A 618 -29.50 -28.59 -14.80
N GLY B 13 22.74 17.87 -15.21
CA GLY B 13 23.68 16.75 -14.94
C GLY B 13 23.85 15.88 -16.18
N THR B 14 24.81 14.95 -16.13
CA THR B 14 25.11 14.07 -17.26
C THR B 14 25.10 12.61 -16.83
N LEU B 15 24.54 11.76 -17.67
CA LEU B 15 24.48 10.34 -17.39
C LEU B 15 25.84 9.69 -17.73
N LEU B 16 26.56 9.20 -16.71
CA LEU B 16 27.90 8.59 -16.84
C LEU B 16 27.87 7.12 -17.05
N GLY B 17 26.74 6.52 -16.75
CA GLY B 17 26.62 5.08 -16.87
C GLY B 17 25.66 4.54 -15.82
N TYR B 18 25.78 3.24 -15.49
CA TYR B 18 24.86 2.60 -14.55
C TYR B 18 25.56 1.62 -13.64
N ALA B 19 25.18 1.63 -12.35
CA ALA B 19 25.67 0.67 -11.37
C ALA B 19 24.76 -0.60 -11.49
N PRO B 20 25.18 -1.71 -10.86
CA PRO B 20 24.30 -2.89 -11.01
C PRO B 20 22.81 -2.67 -10.57
N GLY B 21 21.89 -3.31 -11.30
CA GLY B 21 20.48 -3.20 -10.98
C GLY B 21 19.83 -2.12 -11.79
N GLY B 22 20.57 -1.62 -12.77
CA GLY B 22 20.03 -0.54 -13.59
C GLY B 22 19.99 0.79 -12.87
N VAL B 23 20.96 1.10 -12.00
CA VAL B 23 20.93 2.38 -11.27
C VAL B 23 21.84 3.41 -11.91
N ALA B 24 21.23 4.48 -12.39
CA ALA B 24 21.93 5.55 -13.11
C ALA B 24 22.92 6.35 -12.29
N ILE B 25 24.10 6.57 -12.85
CA ILE B 25 25.12 7.41 -12.20
C ILE B 25 25.22 8.75 -13.00
N TYR B 26 24.99 9.87 -12.34
CA TYR B 26 25.01 11.20 -12.96
C TYR B 26 26.18 12.13 -12.53
N SER B 27 26.48 13.14 -13.34
CA SER B 27 27.52 14.10 -12.99
C SER B 27 26.77 15.31 -12.42
N SER B 28 27.28 15.82 -11.34
CA SER B 28 26.65 16.95 -10.70
C SER B 28 27.49 18.17 -11.04
N ASP B 29 27.53 18.52 -12.33
CA ASP B 29 28.30 19.69 -12.79
C ASP B 29 27.47 20.98 -12.69
N TYR B 30 27.25 21.48 -11.47
CA TYR B 30 26.44 22.67 -11.30
C TYR B 30 26.88 23.82 -12.21
N SER B 31 28.15 23.76 -12.60
CA SER B 31 28.79 24.73 -13.49
C SER B 31 27.92 25.18 -14.68
N SER B 32 27.51 24.21 -15.50
CA SER B 32 26.68 24.46 -16.69
C SER B 32 25.33 25.12 -16.37
N LEU B 33 25.23 25.70 -15.17
CA LEU B 33 23.99 26.36 -14.76
C LEU B 33 24.17 27.85 -14.57
N ASP B 34 23.06 28.56 -14.71
CA ASP B 34 23.01 29.99 -14.54
C ASP B 34 22.26 30.19 -13.25
N PRO B 35 22.49 31.32 -12.60
CA PRO B 35 21.78 31.55 -11.34
C PRO B 35 20.28 31.72 -11.51
N GLN B 36 19.80 31.86 -12.74
CA GLN B 36 18.36 32.02 -12.93
C GLN B 36 17.63 30.68 -12.77
N GLU B 37 18.27 29.61 -13.21
CA GLU B 37 17.69 28.28 -13.08
C GLU B 37 17.71 27.93 -11.61
N TYR B 38 18.86 28.16 -10.96
CA TYR B 38 19.01 27.82 -9.56
C TYR B 38 18.11 28.61 -8.63
N GLU B 39 17.12 29.28 -9.20
CA GLU B 39 16.16 30.04 -8.39
C GLU B 39 15.03 29.11 -7.93
N ASP B 40 14.68 28.14 -8.79
CA ASP B 40 13.65 27.14 -8.51
C ASP B 40 14.25 25.87 -7.91
N ASP B 41 14.28 25.77 -6.59
CA ASP B 41 14.90 24.61 -5.96
C ASP B 41 14.21 23.28 -6.04
N ALA B 42 13.18 23.20 -6.86
CA ALA B 42 12.46 21.96 -7.04
C ALA B 42 13.19 21.13 -8.10
N VAL B 43 13.88 21.82 -9.00
CA VAL B 43 14.62 21.15 -10.07
C VAL B 43 15.86 20.38 -9.58
N PHE B 44 16.21 20.56 -8.32
CA PHE B 44 17.37 19.87 -7.74
C PHE B 44 17.00 18.70 -6.86
N ARG B 45 15.72 18.51 -6.64
CA ARG B 45 15.26 17.43 -5.80
C ARG B 45 15.07 16.16 -6.61
N SER B 46 15.85 15.11 -6.30
CA SER B 46 15.75 13.81 -7.00
C SER B 46 14.74 12.95 -6.27
N TYR B 47 13.76 12.45 -7.03
CA TYR B 47 12.69 11.58 -6.56
C TYR B 47 12.60 10.31 -7.40
N ILE B 48 12.11 9.24 -6.78
CA ILE B 48 11.79 7.95 -7.45
C ILE B 48 10.30 7.85 -7.06
N ASP B 49 9.42 8.01 -8.04
CA ASP B 49 8.00 8.06 -7.74
C ASP B 49 7.77 9.16 -6.68
N ASP B 50 7.23 8.85 -5.52
CA ASP B 50 7.00 9.92 -4.55
C ASP B 50 7.96 9.94 -3.39
N GLU B 51 9.03 9.15 -3.49
CA GLU B 51 10.02 9.07 -2.45
C GLU B 51 11.22 9.95 -2.77
N TYR B 52 11.46 10.91 -1.89
CA TYR B 52 12.56 11.83 -2.03
C TYR B 52 13.88 11.07 -1.80
N MET B 53 14.75 11.12 -2.80
CA MET B 53 16.06 10.48 -2.80
C MET B 53 17.17 11.43 -2.29
N GLY B 54 17.16 12.67 -2.78
CA GLY B 54 18.15 13.64 -2.36
C GLY B 54 18.38 14.80 -3.33
N HIS B 55 19.56 15.42 -3.25
CA HIS B 55 19.83 16.52 -4.15
C HIS B 55 20.60 16.04 -5.35
N LYS B 56 20.15 16.41 -6.53
CA LYS B 56 20.89 16.01 -7.73
C LYS B 56 22.14 16.84 -7.74
N TRP B 57 23.30 16.21 -7.97
CA TRP B 57 23.46 14.76 -8.06
C TRP B 57 24.56 14.42 -7.08
N GLN B 58 24.25 14.58 -5.80
CA GLN B 58 25.18 14.31 -4.70
C GLN B 58 25.53 12.85 -4.45
N CYS B 59 26.52 12.64 -3.57
CA CYS B 59 26.93 11.29 -3.23
C CYS B 59 25.83 10.67 -2.35
N VAL B 60 25.35 11.40 -1.36
CA VAL B 60 24.32 10.86 -0.51
C VAL B 60 23.11 10.41 -1.33
N GLU B 61 22.75 11.18 -2.36
CA GLU B 61 21.63 10.90 -3.24
C GLU B 61 21.84 9.60 -4.01
N PHE B 62 23.05 9.35 -4.51
CA PHE B 62 23.25 8.11 -5.24
C PHE B 62 23.08 6.86 -4.28
N ALA B 63 23.58 6.98 -3.07
CA ALA B 63 23.54 5.86 -2.14
C ALA B 63 22.11 5.50 -1.74
N ARG B 64 21.28 6.51 -1.43
CA ARG B 64 19.91 6.26 -1.04
C ARG B 64 19.15 5.67 -2.23
N ARG B 65 19.37 6.26 -3.39
CA ARG B 65 18.69 5.83 -4.57
C ARG B 65 19.10 4.41 -4.95
N PHE B 66 20.36 4.10 -4.78
CA PHE B 66 20.79 2.76 -5.16
C PHE B 66 20.12 1.72 -4.19
N LEU B 67 20.14 2.02 -2.90
CA LEU B 67 19.58 1.13 -1.88
C LEU B 67 18.10 1.06 -2.09
N PHE B 68 17.50 2.18 -2.53
CA PHE B 68 16.06 2.18 -2.69
C PHE B 68 15.62 1.34 -3.85
N LEU B 69 16.23 1.55 -5.02
CA LEU B 69 15.84 0.80 -6.19
C LEU B 69 16.19 -0.69 -6.13
N ASN B 70 17.33 -1.05 -5.53
CA ASN B 70 17.73 -2.43 -5.54
C ASN B 70 17.18 -3.26 -4.40
N TYR B 71 16.95 -2.65 -3.24
CA TYR B 71 16.48 -3.33 -2.05
C TYR B 71 15.24 -2.69 -1.39
N GLY B 72 14.83 -1.51 -1.85
CA GLY B 72 13.67 -0.86 -1.25
C GLY B 72 13.91 -0.27 0.12
N VAL B 73 15.19 0.05 0.46
CA VAL B 73 15.47 0.67 1.76
C VAL B 73 16.19 2.01 1.56
N VAL B 74 16.20 2.84 2.61
CA VAL B 74 16.97 4.09 2.57
C VAL B 74 17.53 4.29 3.94
N PHE B 75 18.25 5.38 4.12
CA PHE B 75 18.75 5.70 5.44
C PHE B 75 18.46 7.21 5.60
N THR B 76 18.39 7.68 6.84
CA THR B 76 18.15 9.06 7.17
C THR B 76 18.98 10.04 6.32
N ASP B 77 18.29 10.99 5.74
CA ASP B 77 18.96 11.96 4.90
C ASP B 77 19.82 12.96 5.68
N VAL B 78 20.99 12.55 6.19
CA VAL B 78 21.84 13.45 6.95
C VAL B 78 22.49 14.47 6.03
N GLY B 79 22.82 15.64 6.55
CA GLY B 79 23.41 16.67 5.71
C GLY B 79 24.74 16.32 5.10
N MET B 80 25.60 15.65 5.85
CA MET B 80 26.91 15.29 5.25
C MET B 80 27.19 13.78 5.32
N ALA B 81 27.79 13.23 4.26
CA ALA B 81 28.11 11.81 4.16
C ALA B 81 28.85 11.15 5.36
N TRP B 82 29.80 11.85 6.01
CA TRP B 82 30.48 11.21 7.15
C TRP B 82 29.52 10.91 8.28
N GLU B 83 28.40 11.65 8.29
CA GLU B 83 27.39 11.45 9.32
C GLU B 83 26.71 10.07 9.22
N ILE B 84 26.63 9.52 8.01
CA ILE B 84 26.00 8.22 7.84
C ILE B 84 26.60 7.13 8.75
N PHE B 85 27.92 7.17 8.97
CA PHE B 85 28.63 6.20 9.81
C PHE B 85 28.07 6.10 11.25
N SER B 86 27.30 7.11 11.69
CA SER B 86 26.72 7.09 13.03
C SER B 86 25.30 6.53 13.11
N LEU B 87 24.72 6.18 11.97
CA LEU B 87 23.37 5.65 11.90
C LEU B 87 23.44 4.17 12.20
N ARG B 88 22.39 3.66 12.82
CA ARG B 88 22.35 2.25 13.18
C ARG B 88 21.12 1.54 12.66
N PHE B 89 20.51 2.13 11.62
CA PHE B 89 19.38 1.49 11.01
C PHE B 89 19.20 1.93 9.58
N LEU B 90 18.52 1.11 8.83
CA LEU B 90 18.08 1.42 7.47
C LEU B 90 16.57 1.35 7.66
N ARG B 91 15.88 2.10 6.83
CA ARG B 91 14.43 2.16 6.85
C ARG B 91 13.91 1.45 5.64
N GLU B 92 13.11 0.41 5.86
CA GLU B 92 12.45 -0.36 4.80
C GLU B 92 11.20 0.54 4.53
N VAL B 93 11.14 1.09 3.33
CA VAL B 93 10.13 2.02 2.91
C VAL B 93 8.67 1.57 2.87
N VAL B 94 8.37 0.44 2.23
CA VAL B 94 6.99 0.01 2.15
C VAL B 94 6.27 -0.11 3.46
N ASN B 95 6.86 -0.71 4.48
CA ASN B 95 6.20 -0.80 5.75
C ASN B 95 6.88 -0.02 6.85
N ASP B 96 7.83 0.84 6.49
CA ASP B 96 8.55 1.59 7.50
C ASP B 96 9.28 0.76 8.58
N ASN B 97 9.73 -0.46 8.24
CA ASN B 97 10.46 -1.27 9.20
C ASN B 97 11.83 -0.67 9.49
N ILE B 98 12.27 -0.79 10.74
CA ILE B 98 13.54 -0.27 11.17
C ILE B 98 14.51 -1.48 11.08
N LEU B 99 15.46 -1.45 10.16
CA LEU B 99 16.33 -2.56 10.06
C LEU B 99 17.66 -2.21 10.66
N PRO B 100 18.25 -3.10 11.47
CA PRO B 100 19.56 -2.83 12.10
C PRO B 100 20.72 -2.69 11.06
N LEU B 101 21.56 -1.69 11.26
CA LEU B 101 22.68 -1.40 10.37
C LEU B 101 23.92 -1.36 11.28
N GLN B 102 24.99 -2.06 10.93
CA GLN B 102 26.17 -1.99 11.82
C GLN B 102 27.30 -1.30 11.12
N ALA B 103 28.15 -0.68 11.91
CA ALA B 103 29.33 0.02 11.41
C ALA B 103 30.60 -0.77 11.69
N PHE B 104 31.50 -0.82 10.73
CA PHE B 104 32.79 -1.52 10.93
C PHE B 104 33.90 -0.60 10.43
N PRO B 105 34.93 -0.40 11.26
CA PRO B 105 36.06 0.47 10.90
C PRO B 105 36.93 -0.14 9.82
N ASN B 106 37.59 0.65 8.99
CA ASN B 106 38.55 0.08 8.02
C ASN B 106 39.55 -0.77 8.92
N GLY B 107 40.03 -1.92 8.42
CA GLY B 107 40.93 -2.76 9.22
C GLY B 107 40.18 -3.75 10.11
N SER B 108 38.89 -3.86 9.87
CA SER B 108 38.04 -4.72 10.68
C SER B 108 38.09 -6.24 10.37
N PRO B 109 37.81 -7.08 11.37
CA PRO B 109 37.83 -8.52 11.07
C PRO B 109 36.54 -8.86 10.26
N ARG B 110 35.57 -7.93 10.25
CA ARG B 110 34.34 -8.11 9.46
C ARG B 110 34.70 -7.59 8.05
N ALA B 111 34.74 -8.48 7.09
CA ALA B 111 35.07 -8.14 5.73
C ALA B 111 33.94 -7.37 5.09
N PRO B 112 34.27 -6.51 4.12
CA PRO B 112 33.24 -5.72 3.41
C PRO B 112 32.44 -6.67 2.52
N VAL B 113 31.16 -6.37 2.29
CA VAL B 113 30.34 -7.22 1.43
C VAL B 113 29.68 -6.44 0.29
N ALA B 114 29.14 -7.16 -0.68
CA ALA B 114 28.41 -6.52 -1.78
C ALA B 114 27.18 -5.85 -1.16
N GLY B 115 26.97 -4.58 -1.55
CA GLY B 115 25.85 -3.76 -1.09
C GLY B 115 26.14 -2.91 0.12
N ALA B 116 27.30 -3.10 0.72
CA ALA B 116 27.64 -2.33 1.91
C ALA B 116 27.85 -0.86 1.53
N LEU B 117 27.57 0.02 2.50
CA LEU B 117 27.78 1.45 2.35
C LEU B 117 29.24 1.61 2.77
N LEU B 118 29.99 2.37 1.97
CA LEU B 118 31.40 2.64 2.30
C LEU B 118 31.45 4.16 2.54
N ILE B 119 31.87 4.51 3.74
CA ILE B 119 31.91 5.87 4.19
C ILE B 119 33.32 6.46 4.42
N TRP B 120 33.50 7.69 3.97
CA TRP B 120 34.74 8.43 4.13
C TRP B 120 34.48 9.55 5.12
N ASP B 121 35.43 9.79 6.02
CA ASP B 121 35.34 10.89 6.98
C ASP B 121 35.63 12.16 6.21
N LYS B 122 35.49 13.34 6.81
CA LYS B 122 35.84 14.54 6.07
C LYS B 122 37.35 14.59 6.00
N GLY B 123 37.87 15.33 5.04
CA GLY B 123 39.31 15.41 4.89
C GLY B 123 39.88 15.02 3.53
N GLY B 124 40.93 15.77 3.15
CA GLY B 124 41.62 15.56 1.90
C GLY B 124 40.68 15.80 0.76
N GLU B 125 40.71 14.88 -0.21
CA GLU B 125 39.81 14.90 -1.36
C GLU B 125 38.34 15.19 -0.97
N PHE B 126 37.93 14.71 0.20
CA PHE B 126 36.56 14.89 0.65
C PHE B 126 36.45 15.87 1.84
N LYS B 127 37.21 16.95 1.69
CA LYS B 127 37.31 18.06 2.62
C LYS B 127 36.32 18.22 3.76
N ASP B 128 35.22 18.90 3.55
CA ASP B 128 34.32 19.13 4.67
C ASP B 128 33.10 18.21 4.79
N THR B 129 32.82 17.42 3.75
CA THR B 129 31.64 16.57 3.69
C THR B 129 31.80 15.07 3.87
N GLY B 130 33.03 14.55 3.72
CA GLY B 130 33.26 13.13 3.79
C GLY B 130 32.63 12.59 2.50
N HIS B 131 32.38 11.29 2.40
CA HIS B 131 31.79 10.75 1.20
C HIS B 131 31.16 9.38 1.43
N VAL B 132 30.32 8.96 0.49
CA VAL B 132 29.66 7.64 0.54
C VAL B 132 29.70 6.98 -0.83
N ALA B 133 29.97 5.71 -0.84
CA ALA B 133 29.92 4.96 -2.08
C ALA B 133 29.19 3.65 -1.69
N ILE B 134 28.69 2.94 -2.70
CA ILE B 134 28.08 1.63 -2.52
C ILE B 134 29.07 0.68 -3.09
N ILE B 135 29.37 -0.38 -2.35
CA ILE B 135 30.25 -1.43 -2.84
C ILE B 135 29.34 -2.27 -3.75
N THR B 136 29.66 -2.26 -5.04
CA THR B 136 28.90 -2.92 -6.09
C THR B 136 29.35 -4.31 -6.54
N GLN B 137 30.65 -4.58 -6.47
CA GLN B 137 31.17 -5.92 -6.84
C GLN B 137 32.47 -6.29 -6.10
N LEU B 138 32.58 -7.52 -5.66
CA LEU B 138 33.78 -7.98 -5.03
C LEU B 138 34.50 -8.82 -6.11
N HIS B 139 35.52 -8.24 -6.75
CA HIS B 139 36.27 -8.89 -7.82
C HIS B 139 37.56 -9.42 -7.21
N GLY B 140 37.49 -10.54 -6.52
CA GLY B 140 38.70 -11.05 -5.93
C GLY B 140 39.23 -10.13 -4.86
N ASN B 141 40.40 -9.54 -5.11
CA ASN B 141 41.04 -8.66 -4.15
C ASN B 141 40.74 -7.19 -4.33
N LYS B 142 40.01 -6.87 -5.37
CA LYS B 142 39.59 -5.51 -5.66
C LYS B 142 38.14 -5.33 -5.18
N VAL B 143 37.83 -4.12 -4.73
CA VAL B 143 36.52 -3.75 -4.27
C VAL B 143 35.99 -2.68 -5.25
N ARG B 144 35.03 -3.05 -6.11
CA ARG B 144 34.46 -2.10 -7.03
C ARG B 144 33.31 -1.37 -6.33
N ILE B 145 33.24 -0.05 -6.55
CA ILE B 145 32.21 0.79 -5.93
C ILE B 145 31.55 1.65 -6.99
N ALA B 146 30.35 2.19 -6.70
CA ALA B 146 29.71 3.13 -7.62
C ALA B 146 29.41 4.29 -6.70
N GLU B 147 29.37 5.49 -7.26
CA GLU B 147 29.20 6.68 -6.44
C GLU B 147 28.95 7.88 -7.33
N GLN B 148 28.41 8.95 -6.73
CA GLN B 148 28.23 10.17 -7.44
C GLN B 148 29.11 11.27 -6.88
N ASN B 149 29.36 12.27 -7.73
CA ASN B 149 30.16 13.44 -7.34
C ASN B 149 31.66 13.19 -7.05
N VAL B 150 32.27 12.27 -7.80
CA VAL B 150 33.71 11.99 -7.77
C VAL B 150 34.08 11.98 -9.29
N ILE B 151 33.56 11.02 -10.06
CA ILE B 151 33.82 10.94 -11.51
C ILE B 151 32.83 11.90 -12.17
N HIS B 152 33.21 12.50 -13.30
CA HIS B 152 32.30 13.42 -13.97
C HIS B 152 32.35 13.26 -15.49
N SER B 153 33.07 12.26 -15.93
CA SER B 153 33.18 11.94 -17.34
C SER B 153 32.54 10.58 -17.58
N PRO B 154 31.84 10.41 -18.70
CA PRO B 154 31.24 9.11 -18.93
C PRO B 154 32.22 7.98 -18.66
N LEU B 155 31.70 6.82 -18.29
CA LEU B 155 32.52 5.68 -17.98
C LEU B 155 32.70 4.85 -19.21
N PRO B 156 33.68 3.96 -19.18
CA PRO B 156 33.88 3.14 -20.36
C PRO B 156 32.56 2.37 -20.60
N GLN B 157 32.41 1.83 -21.80
CA GLN B 157 31.23 1.09 -22.15
C GLN B 157 31.09 -0.13 -21.30
N GLY B 158 29.87 -0.31 -20.76
CA GLY B 158 29.59 -1.46 -19.94
C GLY B 158 30.19 -1.52 -18.56
N GLN B 159 30.95 -0.50 -18.18
CA GLN B 159 31.56 -0.47 -16.85
C GLN B 159 30.52 -0.04 -15.79
N GLN B 160 30.27 -0.87 -14.79
CA GLN B 160 29.21 -0.52 -13.82
C GLN B 160 29.71 -0.20 -12.43
N TRP B 161 30.90 0.38 -12.44
CA TRP B 161 31.60 0.85 -11.27
C TRP B 161 32.36 2.12 -11.65
N THR B 162 32.56 3.00 -10.65
CA THR B 162 33.25 4.26 -10.81
C THR B 162 34.72 4.12 -10.45
N ARG B 163 35.03 3.37 -9.40
CA ARG B 163 36.40 3.19 -8.97
C ARG B 163 36.55 1.77 -8.43
N GLU B 164 37.81 1.33 -8.41
CA GLU B 164 38.21 0.02 -7.93
C GLU B 164 39.21 0.30 -6.81
N LEU B 165 39.01 -0.32 -5.65
CA LEU B 165 39.91 -0.09 -4.54
C LEU B 165 40.48 -1.42 -4.22
N GLU B 166 41.78 -1.42 -3.88
CA GLU B 166 42.50 -2.63 -3.52
C GLU B 166 42.19 -2.93 -2.06
N MET B 167 42.08 -4.21 -1.74
CA MET B 167 41.80 -4.60 -0.37
C MET B 167 42.91 -5.52 0.07
N VAL B 168 43.38 -5.34 1.28
CA VAL B 168 44.44 -6.14 1.81
C VAL B 168 43.92 -6.92 3.01
N VAL B 169 44.19 -8.21 3.02
CA VAL B 169 43.77 -9.05 4.13
C VAL B 169 45.03 -9.50 4.86
N GLU B 170 45.22 -9.03 6.08
CA GLU B 170 46.35 -9.47 6.86
C GLU B 170 46.01 -9.77 8.30
N ASN B 171 46.06 -11.05 8.64
CA ASN B 171 45.82 -11.49 9.99
C ASN B 171 44.35 -11.41 10.33
N GLY B 172 43.53 -11.98 9.44
CA GLY B 172 42.08 -12.01 9.62
C GLY B 172 41.35 -10.67 9.52
N CYS B 173 42.11 -9.59 9.28
CA CYS B 173 41.60 -8.21 9.18
C CYS B 173 41.60 -7.64 7.77
N TYR B 174 40.58 -6.85 7.46
CA TYR B 174 40.43 -6.28 6.13
C TYR B 174 40.68 -4.76 6.06
N THR B 175 41.52 -4.34 5.13
CA THR B 175 41.84 -2.95 4.98
C THR B 175 41.70 -2.48 3.54
N LEU B 176 40.86 -1.47 3.33
CA LEU B 176 40.71 -0.93 1.96
C LEU B 176 41.66 0.26 1.72
N LYS B 177 42.21 0.39 0.52
CA LYS B 177 43.07 1.55 0.23
C LYS B 177 42.37 2.45 -0.76
N ASP B 178 42.24 3.71 -0.43
CA ASP B 178 41.58 4.61 -1.34
C ASP B 178 42.40 4.86 -2.64
N THR B 179 41.78 5.50 -3.62
CA THR B 179 42.51 5.81 -4.84
C THR B 179 43.08 7.19 -4.66
N PHE B 180 42.74 7.85 -3.55
CA PHE B 180 43.26 9.20 -3.28
C PHE B 180 44.17 8.97 -2.11
N ASP B 181 45.12 9.87 -1.86
CA ASP B 181 46.09 9.66 -0.76
C ASP B 181 45.99 10.54 0.48
N ASP B 182 45.12 11.53 0.45
CA ASP B 182 44.97 12.40 1.60
C ASP B 182 43.63 12.19 2.28
N THR B 183 42.97 11.08 1.97
CA THR B 183 41.65 10.80 2.51
C THR B 183 41.66 9.84 3.69
N THR B 184 40.49 9.70 4.32
CA THR B 184 40.32 8.81 5.47
C THR B 184 39.01 8.02 5.36
N ILE B 185 39.12 6.72 5.11
CA ILE B 185 37.96 5.85 5.03
C ILE B 185 37.58 5.49 6.45
N LEU B 186 36.33 5.73 6.83
CA LEU B 186 35.89 5.40 8.17
C LEU B 186 35.64 3.92 8.24
N GLY B 187 34.98 3.40 7.20
CA GLY B 187 34.66 1.97 7.17
C GLY B 187 33.39 1.64 6.37
N TRP B 188 32.86 0.43 6.56
CA TRP B 188 31.68 -0.04 5.89
C TRP B 188 30.50 -0.37 6.85
N MET B 189 29.30 -0.30 6.30
CA MET B 189 28.08 -0.55 7.07
C MET B 189 27.34 -1.68 6.42
N ILE B 190 26.92 -2.61 7.26
CA ILE B 190 26.20 -3.78 6.80
C ILE B 190 24.89 -3.89 7.50
N GLN B 191 23.84 -4.19 6.76
CA GLN B 191 22.55 -4.30 7.39
C GLN B 191 22.47 -5.73 7.95
N THR B 192 22.72 -5.91 9.23
CA THR B 192 22.65 -7.26 9.77
C THR B 192 22.36 -7.16 11.25
N GLU B 193 21.83 -8.23 11.84
CA GLU B 193 21.54 -8.27 13.30
C GLU B 193 22.81 -8.66 14.07
N ASP B 194 23.82 -9.14 13.38
CA ASP B 194 25.02 -9.57 14.07
C ASP B 194 25.92 -8.39 14.45
N THR B 195 26.11 -8.19 15.77
CA THR B 195 26.92 -7.07 16.25
C THR B 195 28.39 -7.41 16.51
N GLU B 196 28.83 -8.62 16.17
CA GLU B 196 30.22 -8.95 16.39
C GLU B 196 31.11 -8.03 15.55
N TYR B 197 32.15 -7.51 16.18
CA TYR B 197 33.12 -6.60 15.51
C TYR B 197 32.61 -5.15 15.23
N SER B 198 31.35 -4.87 15.51
CA SER B 198 30.81 -3.53 15.26
C SER B 198 31.20 -2.40 16.25
N LEU B 199 31.20 -1.17 15.74
CA LEU B 199 31.49 0.02 16.50
C LEU B 199 30.24 0.38 17.26
N PRO B 200 30.40 0.83 18.49
CA PRO B 200 29.26 1.22 19.31
C PRO B 200 28.89 2.57 18.69
N GLN B 201 27.62 2.96 18.79
CA GLN B 201 27.18 4.20 18.22
C GLN B 201 27.82 5.43 18.89
N PRO B 202 28.34 6.37 18.09
CA PRO B 202 28.97 7.57 18.64
C PRO B 202 27.96 8.30 19.50
N GLU B 203 28.44 8.93 20.58
CA GLU B 203 27.57 9.69 21.48
C GLU B 203 28.12 11.11 21.43
N ILE B 204 27.22 12.05 21.21
CA ILE B 204 27.61 13.43 21.10
C ILE B 204 27.98 13.97 22.47
N ALA B 205 29.03 14.78 22.52
CA ALA B 205 29.45 15.38 23.79
C ALA B 205 28.26 16.21 24.30
N GLY B 206 27.86 15.95 25.55
CA GLY B 206 26.74 16.64 26.18
C GLY B 206 26.73 18.17 26.10
N GLU B 207 27.92 18.75 26.12
CA GLU B 207 28.14 20.18 26.06
C GLU B 207 27.60 20.79 24.75
N LEU B 208 27.67 20.05 23.66
CA LEU B 208 27.21 20.55 22.38
C LEU B 208 25.70 20.56 22.28
N LEU B 209 25.03 19.98 23.27
CA LEU B 209 23.58 19.92 23.22
C LEU B 209 22.96 21.03 24.07
N LYS B 210 23.82 21.89 24.62
CA LYS B 210 23.35 22.97 25.47
C LYS B 210 22.71 24.11 24.67
N ILE B 211 21.59 24.62 25.16
CA ILE B 211 20.97 25.74 24.46
C ILE B 211 21.48 27.00 25.14
N SER B 212 22.06 27.91 24.36
CA SER B 212 22.60 29.18 24.88
C SER B 212 21.78 30.42 24.54
N GLY B 213 21.81 31.38 25.46
CA GLY B 213 21.12 32.64 25.21
C GLY B 213 22.07 33.56 24.43
N ALA B 214 21.50 34.51 23.71
CA ALA B 214 22.29 35.48 22.95
C ALA B 214 21.48 36.78 22.90
N ARG B 215 22.15 37.85 22.50
CA ARG B 215 21.52 39.15 22.49
C ARG B 215 21.90 39.87 21.23
N LEU B 216 20.96 40.54 20.62
CA LEU B 216 21.31 41.32 19.45
C LEU B 216 21.82 42.71 19.92
N GLU B 217 22.59 43.38 19.09
CA GLU B 217 23.06 44.72 19.39
C GLU B 217 21.74 45.55 19.26
N ASN B 218 21.36 46.33 20.26
CA ASN B 218 20.09 47.08 20.12
C ASN B 218 20.22 48.44 19.38
N LYS B 219 19.89 48.45 18.08
CA LYS B 219 19.95 49.67 17.27
C LYS B 219 18.54 50.02 16.87
N GLY B 220 17.56 49.63 17.68
CA GLY B 220 16.16 49.91 17.35
C GLY B 220 15.61 49.10 16.17
N GLN B 221 16.31 48.03 15.75
CA GLN B 221 15.85 47.21 14.62
C GLN B 221 14.40 46.82 14.69
N PHE B 222 13.88 46.62 15.91
CA PHE B 222 12.50 46.21 16.03
C PHE B 222 11.56 47.25 16.64
N ASP B 223 11.96 48.53 16.64
CA ASP B 223 11.08 49.52 17.25
C ASP B 223 9.75 49.87 16.56
N GLY B 224 9.58 49.55 15.27
CA GLY B 224 8.31 49.85 14.62
C GLY B 224 7.65 48.62 14.02
N LYS B 225 7.09 48.77 12.84
CA LYS B 225 6.43 47.66 12.18
C LYS B 225 7.47 46.84 11.38
N TRP B 226 8.03 45.79 11.98
CA TRP B 226 9.02 44.96 11.27
C TRP B 226 8.43 43.79 10.45
N LEU B 227 7.13 43.53 10.58
CA LEU B 227 6.49 42.51 9.76
C LEU B 227 5.71 43.37 8.74
N ASP B 228 5.58 42.94 7.48
CA ASP B 228 4.82 43.77 6.50
C ASP B 228 3.34 43.46 6.50
N GLU B 229 2.52 44.44 6.93
CA GLU B 229 1.06 44.30 7.05
C GLU B 229 0.34 44.17 5.73
N LYS B 230 1.02 44.61 4.67
CA LYS B 230 0.49 44.53 3.32
C LYS B 230 0.48 43.07 2.79
N ASP B 231 1.43 42.24 3.26
CA ASP B 231 1.50 40.80 2.89
C ASP B 231 0.33 40.22 3.65
N PRO B 232 -0.66 39.67 2.95
CA PRO B 232 -1.78 39.14 3.75
C PRO B 232 -1.43 38.11 4.81
N LEU B 233 -0.39 37.29 4.58
CA LEU B 233 -0.03 36.27 5.57
C LEU B 233 0.52 36.92 6.85
N GLN B 234 1.48 37.81 6.69
CA GLN B 234 2.04 38.53 7.83
C GLN B 234 1.01 39.46 8.52
N ASN B 235 0.09 40.05 7.76
CA ASN B 235 -0.91 40.90 8.38
C ASN B 235 -1.88 40.04 9.14
N ALA B 236 -2.18 38.86 8.61
CA ALA B 236 -3.09 37.99 9.32
C ALA B 236 -2.37 37.63 10.61
N TYR B 237 -1.07 37.40 10.51
CA TYR B 237 -0.36 37.09 11.73
C TYR B 237 -0.39 38.29 12.71
N VAL B 238 -0.19 39.50 12.18
CA VAL B 238 -0.20 40.70 13.00
C VAL B 238 -1.60 40.90 13.65
N GLN B 239 -2.68 40.55 12.93
CA GLN B 239 -4.01 40.73 13.48
C GLN B 239 -4.21 39.84 14.71
N ALA B 240 -3.48 38.74 14.77
CA ALA B 240 -3.66 37.84 15.89
C ALA B 240 -2.65 38.02 17.01
N ASN B 241 -1.57 38.73 16.75
CA ASN B 241 -0.49 38.88 17.72
C ASN B 241 0.15 40.26 17.87
N GLY B 242 0.04 41.09 16.85
CA GLY B 242 0.69 42.39 16.87
C GLY B 242 2.06 42.15 16.22
N GLN B 243 2.90 43.17 16.23
CA GLN B 243 4.24 43.10 15.67
C GLN B 243 5.10 42.36 16.70
N VAL B 244 4.69 41.13 17.05
CA VAL B 244 5.38 40.42 18.10
C VAL B 244 5.69 38.94 17.79
N ILE B 245 6.87 38.50 18.19
CA ILE B 245 7.26 37.10 18.05
C ILE B 245 7.45 36.61 19.50
N ASN B 246 8.30 37.26 20.26
CA ASN B 246 8.52 36.89 21.66
C ASN B 246 8.53 38.23 22.45
N GLN B 247 8.71 38.16 23.78
CA GLN B 247 8.71 39.35 24.64
C GLN B 247 9.85 40.33 24.43
N ASP B 248 10.99 39.87 23.95
CA ASP B 248 12.10 40.75 23.73
C ASP B 248 12.84 40.27 22.51
N PRO B 249 12.51 40.82 21.35
CA PRO B 249 13.12 40.45 20.07
C PRO B 249 14.64 40.59 19.96
N TYR B 250 15.25 41.29 20.89
CA TYR B 250 16.71 41.45 20.90
C TYR B 250 17.36 40.26 21.58
N HIS B 251 16.54 39.42 22.23
CA HIS B 251 17.04 38.19 22.84
C HIS B 251 16.67 37.00 21.97
N TYR B 252 17.62 36.06 21.81
CA TYR B 252 17.34 34.86 21.04
C TYR B 252 18.22 33.77 21.57
N TYR B 253 18.09 32.56 21.04
CA TYR B 253 18.86 31.44 21.53
C TYR B 253 19.59 30.78 20.37
N THR B 254 20.69 30.09 20.69
CA THR B 254 21.47 29.38 19.66
C THR B 254 21.74 27.93 20.05
N ILE B 255 21.85 27.05 19.07
CA ILE B 255 22.24 25.66 19.37
C ILE B 255 23.40 25.37 18.43
N THR B 256 24.17 24.31 18.69
CA THR B 256 25.28 24.02 17.78
C THR B 256 24.85 23.27 16.53
N GLU B 257 25.66 23.38 15.47
CA GLU B 257 25.35 22.67 14.26
C GLU B 257 25.24 21.14 14.59
N SER B 258 26.08 20.66 15.52
CA SER B 258 26.09 19.28 15.96
C SER B 258 24.77 18.92 16.66
N ALA B 259 24.24 19.86 17.44
CA ALA B 259 22.99 19.57 18.09
C ALA B 259 21.88 19.38 17.02
N GLU B 260 21.88 20.24 15.99
CA GLU B 260 20.92 20.15 14.93
C GLU B 260 21.05 18.84 14.19
N GLN B 261 22.29 18.41 13.98
CA GLN B 261 22.48 17.15 13.27
C GLN B 261 21.84 16.00 14.09
N GLU B 262 22.00 16.09 15.40
CA GLU B 262 21.44 15.10 16.28
C GLU B 262 19.87 15.23 16.19
N LEU B 263 19.34 16.46 16.17
CA LEU B 263 17.87 16.61 16.08
C LEU B 263 17.33 16.03 14.77
N ILE B 264 18.10 16.17 13.69
CA ILE B 264 17.66 15.67 12.39
C ILE B 264 17.59 14.13 12.42
N LYS B 265 18.60 13.48 13.00
CA LYS B 265 18.59 12.00 13.11
C LYS B 265 17.47 11.54 14.03
N ALA B 266 17.38 12.14 15.19
CA ALA B 266 16.34 11.78 16.15
C ALA B 266 14.94 11.93 15.60
N THR B 267 14.72 12.97 14.80
CA THR B 267 13.38 13.24 14.28
C THR B 267 12.91 12.15 13.33
N ASN B 268 13.78 11.82 12.40
CA ASN B 268 13.54 10.77 11.45
C ASN B 268 13.37 9.40 12.14
N GLU B 269 14.26 9.08 13.07
CA GLU B 269 14.15 7.79 13.73
C GLU B 269 12.87 7.69 14.63
N LEU B 270 12.60 8.75 15.38
CA LEU B 270 11.45 8.78 16.27
C LEU B 270 10.18 8.68 15.45
N HIS B 271 10.18 9.24 14.23
CA HIS B 271 8.98 9.16 13.47
C HIS B 271 8.70 7.67 13.23
N LEU B 272 9.69 6.92 12.74
CA LEU B 272 9.49 5.51 12.52
C LEU B 272 9.11 4.77 13.87
N MET B 273 9.75 5.13 14.98
CA MET B 273 9.41 4.47 16.25
C MET B 273 7.91 4.70 16.58
N TYR B 274 7.42 5.93 16.45
CA TYR B 274 6.00 6.18 16.67
C TYR B 274 5.10 5.41 15.70
N LEU B 275 5.50 5.22 14.46
CA LEU B 275 4.65 4.46 13.57
C LEU B 275 4.57 3.00 14.11
N HIS B 276 5.72 2.45 14.58
CA HIS B 276 5.68 1.09 15.12
C HIS B 276 4.79 1.01 16.34
N ALA B 277 4.85 2.01 17.22
CA ALA B 277 3.99 1.98 18.41
C ALA B 277 2.50 2.08 18.04
N THR B 278 2.19 2.90 17.05
CA THR B 278 0.86 3.11 16.55
C THR B 278 0.34 1.77 16.00
N ASP B 279 1.20 1.03 15.32
CA ASP B 279 0.77 -0.21 14.76
C ASP B 279 0.49 -1.21 15.93
N LYS B 280 1.34 -1.23 16.95
CA LYS B 280 1.09 -2.12 18.09
C LYS B 280 -0.26 -1.78 18.77
N VAL B 281 -0.55 -0.48 18.98
CA VAL B 281 -1.83 -0.08 19.55
C VAL B 281 -2.98 -0.57 18.70
N LEU B 282 -2.96 -0.26 17.40
CA LEU B 282 -4.06 -0.63 16.52
C LEU B 282 -4.33 -2.10 16.33
N LYS B 283 -3.41 -2.95 16.72
CA LYS B 283 -3.64 -4.34 16.53
C LYS B 283 -4.23 -5.04 17.76
N ASP B 284 -4.49 -4.28 18.81
CA ASP B 284 -4.96 -4.84 20.08
C ASP B 284 -6.04 -3.92 20.76
N ASP B 285 -7.27 -4.41 20.82
CA ASP B 285 -8.39 -3.65 21.38
C ASP B 285 -8.14 -3.22 22.83
N ASN B 286 -7.38 -4.01 23.55
CA ASN B 286 -7.13 -3.65 24.94
C ASN B 286 -6.24 -2.44 25.00
N LEU B 287 -5.33 -2.29 24.04
CA LEU B 287 -4.47 -1.09 24.06
C LEU B 287 -5.28 0.07 23.46
N LEU B 288 -5.87 -0.14 22.29
CA LEU B 288 -6.61 0.96 21.65
C LEU B 288 -7.62 1.63 22.59
N ALA B 289 -8.31 0.83 23.42
CA ALA B 289 -9.34 1.32 24.38
C ALA B 289 -8.81 2.43 25.28
N LEU B 290 -7.49 2.50 25.44
CA LEU B 290 -6.89 3.52 26.29
C LEU B 290 -6.89 4.88 25.66
N PHE B 291 -7.08 4.96 24.34
CA PHE B 291 -7.02 6.24 23.63
C PHE B 291 -8.30 7.06 23.56
N ASP B 292 -9.38 6.56 24.14
CA ASP B 292 -10.62 7.35 24.21
C ASP B 292 -11.19 7.77 22.88
N ILE B 293 -11.15 6.87 21.91
CA ILE B 293 -11.66 7.18 20.59
C ILE B 293 -12.93 6.40 20.48
N PRO B 294 -14.03 7.05 20.06
CA PRO B 294 -15.33 6.33 19.92
C PRO B 294 -15.20 4.95 19.18
N LYS B 295 -15.62 3.87 19.84
CA LYS B 295 -15.50 2.52 19.25
C LYS B 295 -16.08 2.41 17.86
N ILE B 296 -17.16 3.14 17.65
CA ILE B 296 -17.81 3.16 16.34
C ILE B 296 -16.82 3.59 15.20
N LEU B 297 -15.81 4.38 15.53
CA LEU B 297 -14.83 4.82 14.53
C LEU B 297 -13.65 3.85 14.35
N TRP B 298 -13.52 2.87 15.25
CA TRP B 298 -12.41 1.93 15.18
C TRP B 298 -12.17 1.32 13.77
N PRO B 299 -13.24 0.81 13.10
CA PRO B 299 -12.98 0.24 11.77
C PRO B 299 -12.40 1.30 10.77
N ARG B 300 -12.89 2.53 10.82
CA ARG B 300 -12.36 3.55 9.91
C ARG B 300 -10.92 4.00 10.31
N LEU B 301 -10.65 4.09 11.59
CA LEU B 301 -9.33 4.44 12.12
C LEU B 301 -8.30 3.38 11.66
N ARG B 302 -8.67 2.10 11.75
CA ARG B 302 -7.82 1.01 11.33
C ARG B 302 -7.60 1.02 9.83
N LEU B 303 -8.67 1.30 9.12
CA LEU B 303 -8.67 1.36 7.69
C LEU B 303 -7.70 2.47 7.27
N SER B 304 -7.79 3.62 7.93
CA SER B 304 -6.95 4.77 7.62
C SER B 304 -5.48 4.43 7.77
N TRP B 305 -5.14 3.79 8.89
CA TRP B 305 -3.79 3.40 9.17
C TRP B 305 -3.22 2.41 8.12
N GLN B 306 -4.05 1.44 7.72
CA GLN B 306 -3.66 0.41 6.75
C GLN B 306 -3.39 1.00 5.35
N ARG B 307 -4.15 2.00 4.96
CA ARG B 307 -3.89 2.55 3.67
C ARG B 307 -3.27 3.95 3.61
N ARG B 308 -3.09 4.65 4.72
CA ARG B 308 -2.59 6.00 4.59
C ARG B 308 -1.47 6.34 5.53
N ARG B 309 -0.76 5.30 5.99
CA ARG B 309 0.35 5.50 6.89
C ARG B 309 1.32 6.50 6.27
N HIS B 310 1.40 6.54 4.94
CA HIS B 310 2.38 7.41 4.29
C HIS B 310 1.78 8.75 3.88
N HIS B 311 0.52 8.99 4.25
CA HIS B 311 -0.11 10.21 3.83
C HIS B 311 -0.07 11.38 4.79
N MET B 312 0.57 11.23 5.93
CA MET B 312 0.68 12.32 6.87
C MET B 312 1.48 13.44 6.25
N ILE B 313 1.00 14.67 6.34
CA ILE B 313 1.77 15.74 5.75
C ILE B 313 2.78 16.33 6.73
N THR B 314 2.30 16.71 7.92
CA THR B 314 3.20 17.35 8.88
C THR B 314 2.81 17.19 10.35
N GLY B 315 3.83 17.10 11.20
CA GLY B 315 3.63 16.98 12.62
C GLY B 315 4.72 17.71 13.38
N ARG B 316 4.63 17.71 14.70
CA ARG B 316 5.64 18.40 15.52
C ARG B 316 5.97 17.57 16.76
N MET B 317 7.27 17.41 17.00
CA MET B 317 7.86 16.67 18.09
C MET B 317 8.53 17.61 19.05
N ASP B 318 8.18 17.47 20.33
CA ASP B 318 8.72 18.33 21.40
C ASP B 318 9.68 17.55 22.31
N PHE B 319 10.81 18.18 22.58
CA PHE B 319 11.88 17.54 23.33
C PHE B 319 12.38 18.36 24.45
N CYS B 320 13.14 17.66 25.29
CA CYS B 320 13.93 18.26 26.36
C CYS B 320 15.38 18.03 25.85
N MET B 321 16.14 19.11 25.71
CA MET B 321 17.48 19.02 25.20
C MET B 321 18.50 19.83 25.99
N ASP B 322 19.45 19.14 26.63
CA ASP B 322 20.53 19.76 27.39
C ASP B 322 21.70 18.79 27.52
N GLU B 323 22.70 19.16 28.32
CA GLU B 323 23.92 18.34 28.48
C GLU B 323 23.62 16.83 28.77
N ARG B 324 22.44 16.50 29.32
CA ARG B 324 22.07 15.10 29.64
C ARG B 324 21.71 14.27 28.41
N GLY B 325 21.28 14.94 27.35
CA GLY B 325 20.90 14.24 26.13
C GLY B 325 19.60 14.78 25.62
N LEU B 326 19.02 14.07 24.67
CA LEU B 326 17.80 14.47 24.02
C LEU B 326 16.66 13.52 24.36
N LYS B 327 15.55 14.09 24.85
CA LYS B 327 14.40 13.24 25.18
C LYS B 327 13.06 13.76 24.58
N VAL B 328 12.34 12.89 23.87
CA VAL B 328 11.05 13.28 23.35
C VAL B 328 9.99 13.25 24.45
N TYR B 329 9.10 14.22 24.39
CA TYR B 329 7.98 14.34 25.34
C TYR B 329 6.72 13.92 24.64
N GLU B 330 6.53 14.43 23.43
CA GLU B 330 5.31 14.24 22.72
C GLU B 330 5.50 14.43 21.22
N TYR B 331 4.57 13.86 20.47
CA TYR B 331 4.57 13.97 19.04
C TYR B 331 3.11 14.22 18.58
N ASN B 332 2.79 15.47 18.21
CA ASN B 332 1.44 15.81 17.76
C ASN B 332 1.49 15.66 16.23
N ALA B 333 0.85 14.62 15.75
CA ALA B 333 0.82 14.27 14.34
C ALA B 333 -0.47 14.68 13.71
N ASP B 334 -1.41 15.15 14.53
CA ASP B 334 -2.73 15.53 14.03
C ASP B 334 -2.93 17.02 13.74
N SER B 335 -2.74 17.82 14.80
CA SER B 335 -2.99 19.25 14.76
C SER B 335 -1.75 20.09 15.15
N ALA B 336 -0.59 19.73 14.62
CA ALA B 336 0.57 20.51 14.97
C ALA B 336 0.50 21.94 14.37
N SER B 337 0.99 22.92 15.13
CA SER B 337 1.07 24.29 14.62
C SER B 337 2.46 24.85 14.96
N CYS B 338 2.61 26.15 14.88
CA CYS B 338 3.86 26.89 15.10
C CYS B 338 4.64 26.94 13.78
N HIS B 339 4.07 26.40 12.70
CA HIS B 339 4.76 26.46 11.40
C HIS B 339 4.97 27.89 10.89
N THR B 340 3.93 28.72 11.00
CA THR B 340 4.05 30.10 10.59
C THR B 340 5.14 30.84 11.38
N GLU B 341 5.12 30.72 12.70
CA GLU B 341 6.13 31.43 13.49
C GLU B 341 7.53 31.02 13.07
N ALA B 342 7.78 29.71 12.98
CA ALA B 342 9.12 29.23 12.66
C ALA B 342 9.59 29.35 11.23
N GLY B 343 8.70 29.05 10.29
CA GLY B 343 9.09 29.14 8.90
C GLY B 343 8.99 30.51 8.24
N LEU B 344 8.23 31.45 8.81
CA LEU B 344 8.06 32.77 8.17
C LEU B 344 8.41 33.97 9.07
N ILE B 345 7.77 34.06 10.22
CA ILE B 345 8.00 35.16 11.15
C ILE B 345 9.43 35.21 11.63
N LEU B 346 10.04 34.05 11.97
CA LEU B 346 11.44 34.01 12.42
C LEU B 346 12.40 34.38 11.28
N GLU B 347 11.97 34.13 10.05
CA GLU B 347 12.79 34.52 8.93
C GLU B 347 12.81 36.07 8.86
N ARG B 348 11.65 36.73 9.04
CA ARG B 348 11.62 38.18 9.01
C ARG B 348 12.42 38.67 10.19
N TRP B 349 12.22 38.02 11.35
CA TRP B 349 13.00 38.39 12.53
C TRP B 349 14.51 38.41 12.20
N ALA B 350 15.02 37.31 11.63
CA ALA B 350 16.45 37.20 11.32
C ALA B 350 16.85 38.31 10.36
N GLU B 351 16.05 38.43 9.32
CA GLU B 351 16.31 39.44 8.32
C GLU B 351 16.45 40.83 8.96
N GLN B 352 15.47 41.21 9.77
CA GLN B 352 15.44 42.49 10.39
C GLN B 352 16.54 42.77 11.42
N GLY B 353 16.94 41.75 12.18
CA GLY B 353 17.92 42.01 13.21
C GLY B 353 19.13 41.14 13.42
N TYR B 354 19.23 40.03 12.69
CA TYR B 354 20.37 39.15 12.87
C TYR B 354 21.40 39.38 11.79
N LYS B 355 22.67 39.45 12.19
CA LYS B 355 23.71 39.67 11.19
C LYS B 355 24.88 38.69 11.24
N GLY B 356 24.76 37.66 12.08
CA GLY B 356 25.79 36.65 12.19
C GLY B 356 25.75 35.68 11.02
N ASN B 357 26.54 34.62 11.10
CA ASN B 357 26.62 33.66 10.02
C ASN B 357 25.76 32.41 10.20
N GLY B 358 25.10 32.30 11.36
CA GLY B 358 24.23 31.18 11.62
C GLY B 358 22.92 31.24 10.83
N PHE B 359 22.04 30.27 11.05
CA PHE B 359 20.79 30.23 10.29
C PHE B 359 19.63 29.76 11.17
N ASN B 360 18.41 30.13 10.75
CA ASN B 360 17.18 29.74 11.42
C ASN B 360 16.92 28.35 10.87
N PRO B 361 17.04 27.30 11.73
CA PRO B 361 16.81 25.90 11.31
C PRO B 361 15.48 25.57 10.67
N ALA B 362 14.43 26.38 10.87
CA ALA B 362 13.15 26.12 10.20
C ALA B 362 13.02 26.86 8.85
N GLU B 363 14.12 27.41 8.32
CA GLU B 363 14.08 28.14 7.07
C GLU B 363 13.56 27.33 5.89
N GLY B 364 13.84 26.04 5.89
CA GLY B 364 13.39 25.23 4.76
C GLY B 364 11.98 24.74 4.84
N LEU B 365 11.24 25.15 5.88
CA LEU B 365 9.88 24.63 6.13
C LEU B 365 8.86 24.66 5.03
N ILE B 366 8.63 25.84 4.45
CA ILE B 366 7.68 26.03 3.37
C ILE B 366 8.04 25.14 2.19
N ASN B 367 9.30 25.19 1.76
CA ASN B 367 9.70 24.37 0.63
C ASN B 367 9.45 22.91 0.90
N GLU B 368 9.74 22.45 2.10
CA GLU B 368 9.53 21.05 2.45
C GLU B 368 8.04 20.67 2.41
N LEU B 369 7.17 21.54 2.88
CA LEU B 369 5.76 21.29 2.87
C LEU B 369 5.27 21.18 1.43
N ALA B 370 5.74 22.08 0.56
CA ALA B 370 5.31 22.07 -0.83
C ALA B 370 5.68 20.76 -1.48
N GLY B 371 6.88 20.26 -1.20
CA GLY B 371 7.23 19.00 -1.83
C GLY B 371 6.33 17.86 -1.39
N ALA B 372 5.91 17.92 -0.11
CA ALA B 372 5.06 16.88 0.44
C ALA B 372 3.74 16.90 -0.26
N TRP B 373 3.17 18.10 -0.41
CA TRP B 373 1.91 18.20 -1.08
C TRP B 373 2.07 17.82 -2.55
N LYS B 374 3.15 18.25 -3.20
CA LYS B 374 3.25 17.86 -4.62
C LYS B 374 3.25 16.34 -4.76
N HIS B 375 4.02 15.66 -3.91
CA HIS B 375 4.09 14.20 -3.99
C HIS B 375 3.09 13.43 -3.11
N SER B 376 1.92 14.01 -2.89
CA SER B 376 0.89 13.34 -2.13
C SER B 376 -0.18 12.89 -3.12
N ARG B 377 -1.21 12.27 -2.57
CA ARG B 377 -2.31 11.88 -3.41
C ARG B 377 -3.46 12.92 -3.27
N ALA B 378 -3.20 14.14 -2.77
CA ALA B 378 -4.27 15.11 -2.66
C ALA B 378 -4.96 15.34 -4.03
N ARG B 379 -6.22 15.77 -4.02
CA ARG B 379 -6.96 16.07 -5.27
C ARG B 379 -6.50 17.48 -5.77
N PRO B 380 -6.76 17.82 -7.04
CA PRO B 380 -6.35 19.12 -7.62
C PRO B 380 -6.88 20.33 -6.83
N PHE B 381 -8.08 20.23 -6.26
CA PHE B 381 -8.69 21.31 -5.50
C PHE B 381 -8.82 20.90 -4.04
N VAL B 382 -8.16 21.62 -3.16
CA VAL B 382 -8.20 21.29 -1.73
C VAL B 382 -8.95 22.34 -0.92
N HIS B 383 -9.96 21.92 -0.17
CA HIS B 383 -10.68 22.82 0.69
C HIS B 383 -9.99 22.88 2.04
N ILE B 384 -9.63 24.07 2.46
CA ILE B 384 -9.02 24.24 3.73
C ILE B 384 -10.11 24.56 4.78
N MET B 385 -10.22 23.69 5.79
CA MET B 385 -11.19 23.89 6.81
C MET B 385 -10.57 24.30 8.16
N GLN B 386 -10.93 25.52 8.59
CA GLN B 386 -10.48 26.06 9.86
C GLN B 386 -11.66 26.53 10.69
N ASP B 387 -11.43 26.66 11.99
CA ASP B 387 -12.43 27.17 12.89
C ASP B 387 -12.41 28.72 12.79
N LYS B 388 -13.48 29.41 13.22
CA LYS B 388 -13.49 30.89 13.17
C LYS B 388 -12.73 31.31 14.39
N ASP B 389 -11.42 31.40 14.21
CA ASP B 389 -10.50 31.74 15.30
C ASP B 389 -9.29 32.44 14.67
N ILE B 390 -8.95 33.60 15.24
CA ILE B 390 -7.88 34.44 14.73
C ILE B 390 -6.49 33.83 14.52
N GLU B 391 -6.02 32.94 15.40
CA GLU B 391 -4.71 32.29 15.20
C GLU B 391 -4.75 31.28 14.06
N GLU B 392 -5.91 30.64 13.89
CA GLU B 392 -6.03 29.64 12.87
C GLU B 392 -6.04 30.33 11.52
N ASN B 393 -6.45 31.60 11.51
CA ASN B 393 -6.43 32.33 10.23
C ASN B 393 -5.07 32.28 9.57
N TYR B 394 -4.04 32.70 10.28
CA TYR B 394 -2.74 32.67 9.65
C TYR B 394 -2.17 31.28 9.44
N HIS B 395 -2.51 30.29 10.30
CA HIS B 395 -1.99 28.92 10.12
C HIS B 395 -2.57 28.36 8.79
N ALA B 396 -3.86 28.59 8.59
CA ALA B 396 -4.53 28.15 7.39
C ALA B 396 -3.91 28.88 6.19
N GLN B 397 -3.67 30.18 6.30
CA GLN B 397 -3.10 30.88 5.17
C GLN B 397 -1.66 30.47 4.88
N PHE B 398 -0.87 30.21 5.90
CA PHE B 398 0.50 29.73 5.68
C PHE B 398 0.46 28.41 4.91
N MET B 399 -0.44 27.49 5.27
CA MET B 399 -0.54 26.18 4.60
C MET B 399 -1.06 26.37 3.14
N GLU B 400 -1.98 27.30 2.98
CA GLU B 400 -2.50 27.61 1.65
C GLU B 400 -1.32 28.05 0.74
N GLN B 401 -0.33 28.72 1.31
CA GLN B 401 0.82 29.12 0.47
C GLN B 401 1.60 27.93 0.03
N ALA B 402 1.74 26.95 0.91
CA ALA B 402 2.48 25.77 0.53
C ALA B 402 1.67 25.03 -0.52
N LEU B 403 0.35 24.87 -0.31
CA LEU B 403 -0.48 24.19 -1.31
C LEU B 403 -0.33 24.87 -2.72
N HIS B 404 -0.50 26.20 -2.78
CA HIS B 404 -0.38 26.93 -4.08
C HIS B 404 1.01 26.73 -4.73
N GLN B 405 2.06 26.78 -3.91
CA GLN B 405 3.37 26.56 -4.43
C GLN B 405 3.51 25.13 -5.03
N ALA B 406 2.75 24.18 -4.50
CA ALA B 406 2.83 22.85 -5.02
C ALA B 406 1.88 22.64 -6.18
N GLY B 407 1.06 23.64 -6.52
CA GLY B 407 0.17 23.51 -7.65
C GLY B 407 -1.30 23.21 -7.42
N PHE B 408 -1.72 23.28 -6.16
CA PHE B 408 -3.11 23.03 -5.85
C PHE B 408 -3.94 24.30 -5.85
N GLU B 409 -5.21 24.12 -6.09
CA GLU B 409 -6.11 25.24 -6.00
C GLU B 409 -6.74 25.04 -4.61
N THR B 410 -7.22 26.13 -4.01
CA THR B 410 -7.78 26.01 -2.67
C THR B 410 -8.91 26.99 -2.40
N ARG B 411 -9.70 26.68 -1.38
CA ARG B 411 -10.74 27.57 -0.85
C ARG B 411 -10.70 27.38 0.66
N ILE B 412 -10.71 28.46 1.42
CA ILE B 412 -10.66 28.40 2.86
C ILE B 412 -12.11 28.51 3.34
N LEU B 413 -12.48 27.62 4.24
CA LEU B 413 -13.81 27.57 4.82
C LEU B 413 -13.60 27.82 6.28
N ARG B 414 -14.24 28.87 6.78
CA ARG B 414 -14.13 29.27 8.17
C ARG B 414 -15.46 28.82 8.81
N GLY B 415 -15.37 27.89 9.75
CA GLY B 415 -16.58 27.35 10.34
C GLY B 415 -17.28 26.48 9.32
N LEU B 416 -18.51 26.06 9.61
CA LEU B 416 -19.22 25.18 8.69
C LEU B 416 -20.42 25.70 7.93
N ASP B 417 -20.72 26.97 8.11
CA ASP B 417 -21.88 27.57 7.47
C ASP B 417 -22.08 27.52 6.00
N GLU B 418 -21.01 27.65 5.22
CA GLU B 418 -21.19 27.62 3.79
C GLU B 418 -21.26 26.23 3.19
N LEU B 419 -21.11 25.21 4.01
CA LEU B 419 -21.23 23.85 3.50
C LEU B 419 -22.72 23.42 3.44
N GLY B 420 -23.06 22.71 2.39
CA GLY B 420 -24.39 22.19 2.20
C GLY B 420 -24.26 20.92 1.37
N TRP B 421 -25.37 20.27 1.04
CA TRP B 421 -25.33 19.07 0.22
C TRP B 421 -26.03 19.36 -1.11
N ASP B 422 -25.67 18.69 -2.20
CA ASP B 422 -26.36 18.96 -3.45
C ASP B 422 -27.61 18.07 -3.49
N ALA B 423 -28.26 17.98 -4.64
CA ALA B 423 -29.49 17.18 -4.73
C ALA B 423 -29.18 15.70 -4.55
N ALA B 424 -27.97 15.29 -4.92
CA ALA B 424 -27.61 13.91 -4.75
C ALA B 424 -27.03 13.62 -3.35
N GLY B 425 -27.13 14.58 -2.42
CA GLY B 425 -26.60 14.37 -1.09
C GLY B 425 -25.08 14.42 -0.95
N GLN B 426 -24.42 15.02 -1.92
CA GLN B 426 -22.97 15.17 -1.91
C GLN B 426 -22.64 16.56 -1.35
N LEU B 427 -21.65 16.63 -0.46
CA LEU B 427 -21.23 17.90 0.13
C LEU B 427 -20.67 18.90 -0.91
N ILE B 428 -21.14 20.14 -0.83
CA ILE B 428 -20.70 21.22 -1.71
C ILE B 428 -20.37 22.46 -0.90
N ASP B 429 -19.51 23.34 -1.43
CA ASP B 429 -19.21 24.56 -0.69
C ASP B 429 -20.21 25.66 -1.11
N GLY B 430 -19.87 26.92 -0.82
CA GLY B 430 -20.73 28.05 -1.10
C GLY B 430 -20.95 28.32 -2.55
N GLU B 431 -19.93 28.03 -3.37
CA GLU B 431 -20.00 28.21 -4.83
C GLU B 431 -20.61 26.94 -5.41
N GLY B 432 -21.16 26.06 -4.58
CA GLY B 432 -21.73 24.83 -5.14
C GLY B 432 -20.68 23.87 -5.68
N ARG B 433 -19.44 24.06 -5.27
CA ARG B 433 -18.37 23.17 -5.71
C ARG B 433 -18.26 21.95 -4.79
N LEU B 434 -18.22 20.74 -5.34
CA LEU B 434 -18.08 19.52 -4.54
C LEU B 434 -16.86 19.57 -3.64
N VAL B 435 -17.00 19.14 -2.40
CA VAL B 435 -15.89 19.11 -1.48
C VAL B 435 -15.41 17.66 -1.38
N ASN B 436 -14.17 17.34 -1.77
CA ASN B 436 -13.73 15.94 -1.65
C ASN B 436 -12.26 15.77 -1.17
N CYS B 437 -11.65 16.89 -0.84
CA CYS B 437 -10.29 16.87 -0.37
C CYS B 437 -10.13 18.02 0.59
N VAL B 438 -9.90 17.65 1.84
CA VAL B 438 -9.76 18.62 2.91
C VAL B 438 -8.45 18.57 3.67
N TRP B 439 -7.91 19.76 3.91
CA TRP B 439 -6.78 19.86 4.80
C TRP B 439 -7.46 20.73 5.89
N LYS B 440 -7.41 20.26 7.14
CA LYS B 440 -8.04 20.91 8.25
C LYS B 440 -7.12 21.46 9.31
N THR B 441 -7.55 22.50 10.03
CA THR B 441 -6.77 22.95 11.18
C THR B 441 -7.48 22.35 12.41
N TRP B 442 -8.70 21.88 12.22
CA TRP B 442 -9.51 21.30 13.31
C TRP B 442 -8.83 20.06 13.84
N ALA B 443 -8.88 19.86 15.17
CA ALA B 443 -8.31 18.64 15.73
C ALA B 443 -9.37 17.59 15.43
N TRP B 444 -8.97 16.35 15.13
CA TRP B 444 -9.98 15.30 14.88
C TRP B 444 -10.91 15.09 16.10
N GLU B 445 -10.35 15.24 17.28
CA GLU B 445 -11.09 15.04 18.50
C GLU B 445 -12.39 15.87 18.54
N THR B 446 -12.36 17.03 17.89
CA THR B 446 -13.49 17.93 17.85
C THR B 446 -14.61 17.23 17.13
N ALA B 447 -14.24 16.45 16.11
CA ALA B 447 -15.19 15.66 15.33
C ALA B 447 -15.62 14.45 16.14
N PHE B 448 -14.70 13.87 16.91
CA PHE B 448 -15.02 12.70 17.75
C PHE B 448 -16.13 13.03 18.78
N ASP B 449 -16.06 14.24 19.31
CA ASP B 449 -17.02 14.68 20.31
C ASP B 449 -18.45 14.74 19.81
N GLN B 450 -18.62 14.89 18.50
CA GLN B 450 -19.97 14.91 17.95
C GLN B 450 -20.63 13.52 17.86
N ILE B 451 -19.89 12.44 18.07
CA ILE B 451 -20.51 11.12 17.97
C ILE B 451 -20.07 10.26 19.12
N ARG B 452 -19.67 10.90 20.20
CA ARG B 452 -19.21 10.17 21.32
C ARG B 452 -20.33 9.30 21.95
N GLU B 453 -21.59 9.61 21.69
CA GLU B 453 -22.68 8.82 22.24
C GLU B 453 -23.29 7.81 21.23
N VAL B 454 -22.68 7.69 20.06
CA VAL B 454 -23.15 6.74 19.04
C VAL B 454 -22.55 5.35 19.38
N SER B 455 -23.40 4.43 19.80
CA SER B 455 -22.98 3.09 20.21
C SER B 455 -22.68 2.15 19.07
N ASP B 456 -21.58 1.42 19.17
CA ASP B 456 -21.25 0.52 18.09
C ASP B 456 -22.08 -0.77 18.16
N ARG B 457 -22.91 -0.90 19.21
CA ARG B 457 -23.77 -2.06 19.31
C ARG B 457 -25.10 -1.68 18.68
N GLU B 458 -25.44 -0.39 18.69
CA GLU B 458 -26.69 0.00 18.07
C GLU B 458 -26.54 0.27 16.56
N PHE B 459 -25.50 0.99 16.18
CA PHE B 459 -25.28 1.32 14.78
C PHE B 459 -24.18 0.51 14.07
N ALA B 460 -24.41 0.20 12.79
CA ALA B 460 -23.43 -0.55 12.03
C ALA B 460 -22.23 0.35 11.71
N ALA B 461 -22.48 1.65 11.55
CA ALA B 461 -21.42 2.57 11.21
C ALA B 461 -21.84 3.97 11.62
N VAL B 462 -20.96 4.96 11.47
CA VAL B 462 -21.35 6.32 11.88
C VAL B 462 -22.51 6.90 11.05
N PRO B 463 -23.65 7.24 11.71
CA PRO B 463 -24.83 7.78 11.02
C PRO B 463 -24.70 9.27 10.62
N ILE B 464 -23.67 9.59 9.86
CA ILE B 464 -23.41 10.96 9.43
C ILE B 464 -24.56 11.42 8.59
N ARG B 465 -24.73 12.74 8.52
CA ARG B 465 -25.78 13.38 7.77
C ARG B 465 -25.41 13.52 6.34
N THR B 466 -26.40 13.47 5.45
CA THR B 466 -26.18 13.65 4.02
C THR B 466 -27.29 14.56 3.53
N GLY B 467 -27.90 15.25 4.48
CA GLY B 467 -28.99 16.17 4.17
C GLY B 467 -29.54 16.65 5.48
N HIS B 468 -30.17 17.81 5.50
CA HIS B 468 -30.71 18.28 6.77
C HIS B 468 -31.67 19.43 6.60
N PRO B 469 -32.71 19.46 7.44
CA PRO B 469 -33.75 20.50 7.45
C PRO B 469 -33.20 21.91 7.14
N GLN B 470 -32.25 22.37 7.95
CA GLN B 470 -31.66 23.69 7.79
C GLN B 470 -30.30 23.65 7.05
N ASN B 471 -30.14 22.60 6.23
CA ASN B 471 -28.92 22.40 5.48
C ASN B 471 -27.73 22.62 6.45
N GLU B 472 -27.79 22.01 7.63
CA GLU B 472 -26.73 22.15 8.60
C GLU B 472 -25.68 21.03 8.63
N VAL B 473 -24.52 21.30 8.04
CA VAL B 473 -23.43 20.32 7.98
C VAL B 473 -22.48 20.38 9.18
N ARG B 474 -22.29 19.26 9.88
CA ARG B 474 -21.35 19.24 11.01
C ARG B 474 -19.96 18.81 10.55
N LEU B 475 -18.95 19.19 11.33
CA LEU B 475 -17.58 18.82 11.03
C LEU B 475 -17.47 17.32 10.71
N ILE B 476 -18.00 16.51 11.63
CA ILE B 476 -17.99 15.05 11.49
C ILE B 476 -18.68 14.54 10.21
N ASP B 477 -19.60 15.33 9.64
CA ASP B 477 -20.31 14.91 8.43
C ASP B 477 -19.42 15.06 7.16
N VAL B 478 -18.40 15.90 7.26
CA VAL B 478 -17.46 16.09 6.17
C VAL B 478 -16.25 15.14 6.39
N LEU B 479 -15.60 15.17 7.55
CA LEU B 479 -14.44 14.35 7.81
C LEU B 479 -14.63 12.84 7.65
N LEU B 480 -15.81 12.32 7.95
CA LEU B 480 -16.06 10.91 7.87
C LEU B 480 -16.75 10.51 6.58
N ARG B 481 -16.97 11.46 5.68
CA ARG B 481 -17.63 11.16 4.39
C ARG B 481 -16.67 10.33 3.51
N PRO B 482 -17.08 9.13 3.00
CA PRO B 482 -16.15 8.35 2.17
C PRO B 482 -15.59 9.08 0.98
N GLU B 483 -16.37 9.94 0.34
CA GLU B 483 -15.85 10.71 -0.82
C GLU B 483 -14.87 11.83 -0.49
N VAL B 484 -14.62 12.12 0.79
CA VAL B 484 -13.71 13.18 1.14
C VAL B 484 -12.39 12.61 1.62
N LEU B 485 -11.32 13.07 1.01
CA LEU B 485 -9.98 12.64 1.38
C LEU B 485 -9.47 13.66 2.40
N VAL B 486 -9.25 13.25 3.62
CA VAL B 486 -8.82 14.18 4.66
C VAL B 486 -7.36 14.16 5.10
N PHE B 487 -6.82 15.34 5.33
CA PHE B 487 -5.46 15.50 5.84
C PHE B 487 -5.59 16.41 7.05
N GLU B 488 -4.98 16.02 8.18
CA GLU B 488 -4.21 14.77 8.33
C GLU B 488 -5.12 13.55 8.48
N PRO B 489 -4.62 12.35 8.09
CA PRO B 489 -5.45 11.15 8.18
C PRO B 489 -5.86 10.86 9.63
N LEU B 490 -6.93 10.12 9.72
CA LEU B 490 -7.55 9.74 10.97
C LEU B 490 -6.64 9.08 11.97
N TRP B 491 -5.78 8.19 11.50
CA TRP B 491 -4.83 7.49 12.35
C TRP B 491 -3.85 8.45 13.11
N THR B 492 -3.62 9.66 12.63
CA THR B 492 -2.69 10.57 13.29
C THR B 492 -3.01 11.00 14.69
N VAL B 493 -4.23 10.68 15.17
CA VAL B 493 -4.58 11.01 16.57
C VAL B 493 -3.86 10.09 17.55
N ILE B 494 -3.37 8.93 17.12
CA ILE B 494 -2.70 7.99 18.02
C ILE B 494 -1.37 8.51 18.65
N PRO B 495 -0.43 9.02 17.82
CA PRO B 495 0.86 9.51 18.30
C PRO B 495 0.90 10.53 19.43
N GLY B 496 -0.02 11.48 19.41
CA GLY B 496 -0.03 12.54 20.39
C GLY B 496 -0.61 12.23 21.76
N ASN B 497 -1.27 11.10 21.87
CA ASN B 497 -1.89 10.65 23.12
C ASN B 497 -0.84 10.01 24.06
N LYS B 498 -0.68 10.57 25.26
CA LYS B 498 0.33 10.05 26.19
C LYS B 498 0.17 8.58 26.51
N ALA B 499 -1.01 8.02 26.25
CA ALA B 499 -1.17 6.58 26.45
C ALA B 499 -0.18 5.75 25.61
N ILE B 500 0.41 6.35 24.58
CA ILE B 500 1.35 5.61 23.74
C ILE B 500 2.77 5.52 24.30
N LEU B 501 3.14 6.42 25.20
CA LEU B 501 4.48 6.42 25.75
C LEU B 501 4.90 5.09 26.41
N PRO B 502 3.98 4.41 27.14
CA PRO B 502 4.41 3.12 27.76
C PRO B 502 4.73 2.09 26.65
N ILE B 503 3.91 2.13 25.60
CA ILE B 503 4.05 1.26 24.47
C ILE B 503 5.35 1.48 23.69
N LEU B 504 5.63 2.74 23.40
CA LEU B 504 6.85 3.12 22.73
C LEU B 504 8.02 2.59 23.54
N TRP B 505 7.95 2.77 24.86
CA TRP B 505 9.02 2.26 25.68
C TRP B 505 9.19 0.73 25.63
N SER B 506 8.09 -0.03 25.68
CA SER B 506 8.26 -1.47 25.67
C SER B 506 8.82 -1.94 24.36
N LEU B 507 8.57 -1.22 23.26
CA LEU B 507 9.08 -1.61 21.96
C LEU B 507 10.55 -1.28 21.73
N PHE B 508 11.02 -0.23 22.41
CA PHE B 508 12.38 0.24 22.30
C PHE B 508 12.88 0.53 23.72
N PRO B 509 12.93 -0.51 24.54
CA PRO B 509 13.37 -0.28 25.92
C PRO B 509 14.77 0.32 26.04
N HIS B 510 14.86 1.33 26.89
CA HIS B 510 16.09 2.06 27.14
C HIS B 510 16.67 2.76 25.92
N HIS B 511 15.81 3.23 25.00
CA HIS B 511 16.32 3.92 23.81
C HIS B 511 16.85 5.28 24.21
N ARG B 512 18.01 5.69 23.68
CA ARG B 512 18.57 7.00 24.06
C ARG B 512 17.59 8.23 23.95
N TYR B 513 16.60 8.15 23.07
CA TYR B 513 15.69 9.30 22.97
C TYR B 513 14.40 9.18 23.81
N LEU B 514 14.23 8.05 24.49
CA LEU B 514 13.02 7.79 25.26
C LEU B 514 13.18 7.93 26.73
N LEU B 515 12.06 8.17 27.38
CA LEU B 515 12.00 8.32 28.82
C LEU B 515 11.30 7.07 29.33
N ASP B 516 11.79 6.51 30.44
CA ASP B 516 11.21 5.30 31.00
C ASP B 516 9.78 5.61 31.32
N THR B 517 8.88 4.83 30.72
CA THR B 517 7.46 5.07 30.94
C THR B 517 6.72 3.75 31.08
N ASP B 518 5.68 3.70 31.93
CA ASP B 518 4.92 2.47 32.11
C ASP B 518 3.52 2.77 32.65
N PHE B 519 2.67 1.74 32.63
CA PHE B 519 1.31 1.84 33.14
C PHE B 519 1.25 1.54 34.67
N THR B 520 2.37 1.06 35.21
CA THR B 520 2.52 0.76 36.65
C THR B 520 3.82 1.41 37.14
N VAL B 521 3.99 1.59 38.45
CA VAL B 521 5.23 2.18 38.97
C VAL B 521 6.31 1.11 39.12
N ASN B 522 7.39 1.20 38.35
CA ASN B 522 8.49 0.22 38.41
C ASN B 522 9.34 0.48 39.66
N ASP B 523 10.48 -0.20 39.74
CA ASP B 523 11.41 0.00 40.86
C ASP B 523 12.42 0.99 40.31
N GLU B 524 12.49 1.04 38.97
CA GLU B 524 13.37 1.98 38.27
C GLU B 524 12.76 3.36 38.50
N LEU B 525 11.44 3.46 38.30
CA LEU B 525 10.70 4.70 38.46
C LEU B 525 10.72 5.26 39.89
N VAL B 526 10.77 4.38 40.90
CA VAL B 526 10.80 4.86 42.29
C VAL B 526 12.19 5.48 42.61
N LYS B 527 13.24 4.72 42.27
CA LYS B 527 14.64 5.15 42.45
C LYS B 527 14.85 6.47 41.69
N THR B 528 14.43 6.51 40.43
CA THR B 528 14.59 7.69 39.57
C THR B 528 13.68 8.86 39.92
N GLY B 529 12.55 8.57 40.56
CA GLY B 529 11.59 9.62 40.84
C GLY B 529 10.72 9.64 39.59
N TYR B 530 9.44 9.89 39.73
CA TYR B 530 8.60 9.86 38.56
C TYR B 530 7.34 10.72 38.60
N ALA B 531 6.83 11.05 37.41
CA ALA B 531 5.61 11.83 37.30
C ALA B 531 4.44 10.90 36.97
N VAL B 532 3.28 11.23 37.53
CA VAL B 532 2.09 10.47 37.30
C VAL B 532 1.31 11.38 36.38
N LYS B 533 0.96 10.87 35.18
CA LYS B 533 0.21 11.65 34.20
C LYS B 533 -1.06 10.89 33.86
N PRO B 534 -2.22 11.53 34.06
CA PRO B 534 -3.55 10.98 33.79
C PRO B 534 -3.88 10.84 32.32
N ILE B 535 -4.53 9.73 31.97
CA ILE B 535 -4.94 9.46 30.60
C ILE B 535 -6.35 10.07 30.42
N ILE B 543 -1.42 16.24 36.72
CA ILE B 543 0.05 15.93 36.54
C ILE B 543 0.92 16.17 37.81
N ASP B 544 0.95 15.22 38.75
CA ASP B 544 1.78 15.40 39.95
C ASP B 544 3.14 14.73 39.84
N LEU B 545 4.07 15.22 40.65
CA LEU B 545 5.44 14.73 40.66
C LEU B 545 5.70 13.95 41.94
N VAL B 546 6.53 12.92 41.83
CA VAL B 546 6.86 12.08 42.96
C VAL B 546 8.36 11.78 43.03
N LYS B 564 -6.50 4.97 36.16
CA LYS B 564 -5.64 4.57 35.01
C LYS B 564 -4.75 5.79 34.59
N ASN B 565 -3.44 5.59 34.75
CA ASN B 565 -2.41 6.59 34.46
C ASN B 565 -1.16 5.94 33.87
N ILE B 566 -0.26 6.81 33.37
CA ILE B 566 1.05 6.36 32.87
C ILE B 566 2.06 6.96 33.89
N TYR B 567 3.17 6.28 34.11
CA TYR B 567 4.17 6.77 35.05
C TYR B 567 5.43 6.91 34.23
N GLN B 568 6.06 8.08 34.33
CA GLN B 568 7.27 8.39 33.55
C GLN B 568 8.43 8.94 34.38
N GLN B 569 9.65 8.43 34.17
CA GLN B 569 10.79 8.96 34.92
C GLN B 569 10.84 10.48 34.73
N LEU B 570 11.25 11.17 35.79
CA LEU B 570 11.35 12.62 35.81
C LEU B 570 12.47 13.10 34.89
N TRP B 571 12.22 14.19 34.17
CA TRP B 571 13.20 14.74 33.25
C TRP B 571 12.69 16.10 32.79
N CYS B 572 12.86 17.08 33.66
CA CYS B 572 12.42 18.44 33.44
C CYS B 572 13.31 19.26 32.51
N LEU B 573 12.69 20.25 31.90
CA LEU B 573 13.33 21.13 30.94
C LEU B 573 14.39 22.05 31.49
N PRO B 574 15.45 22.30 30.72
CA PRO B 574 16.50 23.20 31.21
C PRO B 574 15.89 24.63 31.25
N LYS B 575 16.44 25.48 32.11
CA LYS B 575 16.04 26.88 32.24
C LYS B 575 17.23 27.63 31.62
N VAL B 576 17.00 28.54 30.65
CA VAL B 576 18.17 29.20 30.07
C VAL B 576 18.31 30.72 30.26
N ASP B 577 17.45 31.57 29.80
CA ASP B 577 17.78 32.96 30.24
C ASP B 577 16.50 33.42 30.89
N GLY B 578 16.15 32.74 31.98
CA GLY B 578 14.95 33.02 32.74
C GLY B 578 13.70 32.27 32.25
N LYS B 579 13.87 31.36 31.30
CA LYS B 579 12.75 30.60 30.77
C LYS B 579 13.12 29.15 30.56
N TYR B 580 12.11 28.29 30.66
CA TYR B 580 12.26 26.87 30.41
C TYR B 580 12.05 26.76 28.92
N ILE B 581 13.02 26.18 28.25
CA ILE B 581 13.03 26.04 26.82
C ILE B 581 12.82 24.60 26.37
N GLN B 582 11.87 24.45 25.46
CA GLN B 582 11.57 23.18 24.87
C GLN B 582 11.95 23.28 23.39
N VAL B 583 12.72 22.29 22.89
CA VAL B 583 13.14 22.21 21.47
C VAL B 583 12.11 21.39 20.68
N CYS B 584 11.62 21.93 19.55
CA CYS B 584 10.63 21.23 18.73
C CYS B 584 11.07 20.99 17.30
N THR B 585 10.69 19.85 16.75
CA THR B 585 11.05 19.62 15.39
C THR B 585 9.81 19.31 14.64
N PHE B 586 9.83 19.73 13.39
CA PHE B 586 8.71 19.50 12.51
C PHE B 586 8.97 18.27 11.69
N THR B 587 7.94 17.45 11.53
CA THR B 587 8.13 16.36 10.59
C THR B 587 7.29 16.81 9.36
N VAL B 588 7.76 16.42 8.20
CA VAL B 588 7.11 16.69 6.93
C VAL B 588 7.29 15.41 6.13
N GLY B 589 6.17 14.78 5.79
CA GLY B 589 6.18 13.50 5.10
C GLY B 589 7.04 12.47 5.86
N GLY B 590 7.06 12.56 7.20
CA GLY B 590 7.87 11.65 7.99
C GLY B 590 9.34 12.08 8.12
N ASN B 591 9.76 13.14 7.41
CA ASN B 591 11.16 13.57 7.48
C ASN B 591 11.33 14.88 8.25
N TYR B 592 12.54 15.23 8.61
CA TYR B 592 12.79 16.45 9.34
C TYR B 592 12.43 17.70 8.52
N GLY B 593 11.68 18.64 9.10
CA GLY B 593 11.32 19.87 8.40
C GLY B 593 11.91 21.12 9.02
N GLY B 594 12.64 20.98 10.12
CA GLY B 594 13.19 22.14 10.80
C GLY B 594 13.04 22.00 12.31
N THR B 595 13.50 23.03 13.05
CA THR B 595 13.50 23.06 14.49
C THR B 595 13.07 24.44 14.95
N CYS B 596 12.42 24.51 16.11
CA CYS B 596 12.13 25.82 16.69
C CYS B 596 12.14 25.63 18.22
N LEU B 597 12.02 26.72 18.96
CA LEU B 597 12.00 26.66 20.41
C LEU B 597 10.75 27.27 20.97
N ARG B 598 10.26 26.66 22.04
CA ARG B 598 9.11 27.16 22.79
C ARG B 598 9.58 27.43 24.23
N GLY B 599 9.23 28.58 24.76
CA GLY B 599 9.66 28.93 26.09
C GLY B 599 8.56 29.41 26.98
N ASP B 600 8.82 29.31 28.28
CA ASP B 600 7.84 29.75 29.27
C ASP B 600 8.49 29.91 30.66
N GLU B 601 7.89 30.74 31.48
CA GLU B 601 8.38 30.95 32.81
C GLU B 601 8.03 29.80 33.73
N SER B 602 6.98 29.05 33.38
CA SER B 602 6.53 27.87 34.11
C SER B 602 7.38 26.69 33.63
N LEU B 603 7.35 25.56 34.34
CA LEU B 603 8.14 24.40 33.90
C LEU B 603 7.34 23.63 32.89
N VAL B 604 6.08 24.01 32.72
CA VAL B 604 5.19 23.36 31.78
C VAL B 604 4.77 24.29 30.64
N ILE B 605 5.23 23.98 29.43
CA ILE B 605 4.92 24.75 28.23
C ILE B 605 3.45 24.54 27.88
N LYS B 606 2.76 25.63 27.55
CA LYS B 606 1.33 25.55 27.19
C LYS B 606 1.24 25.94 25.72
N LYS B 607 0.08 25.76 25.10
CA LYS B 607 -0.05 26.10 23.69
C LYS B 607 0.14 27.60 23.44
N GLU B 608 -0.09 28.38 24.49
CA GLU B 608 0.03 29.84 24.49
C GLU B 608 1.49 30.30 24.72
N SER B 609 2.35 29.39 25.18
CA SER B 609 3.71 29.82 25.40
C SER B 609 4.35 30.21 24.03
N ASP B 610 5.18 31.25 24.07
CA ASP B 610 5.89 31.84 22.93
C ASP B 610 6.96 31.00 22.20
N ILE B 611 7.08 31.28 20.90
CA ILE B 611 8.12 30.69 20.09
C ILE B 611 9.29 31.64 20.39
N GLU B 612 10.50 31.12 20.52
CA GLU B 612 11.64 32.00 20.78
C GLU B 612 12.55 31.92 19.55
N PRO B 613 13.16 33.06 19.17
CA PRO B 613 14.06 33.11 18.01
C PRO B 613 15.21 32.12 18.21
N LEU B 614 15.49 31.29 17.21
CA LEU B 614 16.55 30.27 17.29
C LEU B 614 17.47 30.40 16.12
N ILE B 615 18.77 30.33 16.41
CA ILE B 615 19.78 30.43 15.36
C ILE B 615 20.79 29.29 15.59
N VAL B 616 21.04 28.52 14.54
CA VAL B 616 22.02 27.45 14.62
C VAL B 616 23.37 28.01 14.27
N VAL B 617 24.35 27.76 15.11
CA VAL B 617 25.69 28.29 14.87
C VAL B 617 26.87 27.28 15.00
N LYS B 618 27.97 27.55 14.31
CA LYS B 618 29.15 26.69 14.41
C LYS B 618 29.89 26.80 15.79
#